data_1KHU
#
_entry.id   1KHU
#
_cell.length_a   138.129
_cell.length_b   138.129
_cell.length_c   199.340
_cell.angle_alpha   90
_cell.angle_beta   90
_cell.angle_gamma   120
#
_symmetry.space_group_name_H-M   'H 3'
#
loop_
_entity.id
_entity.type
_entity.pdbx_description
1 polymer SMAD1
2 water water
#
_entity_poly.entity_id   1
_entity_poly.type   'polypeptide(L)'
_entity_poly.pdbx_seq_one_letter_code
;APPLPSEINRGDVQAVAYEEPKHWCSIVYYELNNRVGEAFHASSTSVLVDGFTDPSNNKNRFCLGLLSNVNRNSTIENTR
RHIGKGVHLYYVGGEVYAECLSDSSIFVQSRNCNYHHGFHPTTVCKIPSGCSLKIFNNQEFAQLLAQSVNHGFETVYELT
KMCTIRMSFVKGWGAEYHRQDVTSTPCWIEIHLHGPLQWLDKVLTQMGSPHNPISSVS
;
_entity_poly.pdbx_strand_id   A,B,C,D
#
# COMPACT_ATOMS: atom_id res chain seq x y z
N PRO A 21 13.52 -28.41 -0.27
CA PRO A 21 13.17 -27.14 -0.97
C PRO A 21 13.74 -25.96 -0.18
N LYS A 22 14.74 -26.24 0.64
CA LYS A 22 15.37 -25.23 1.48
C LYS A 22 15.59 -23.88 0.79
N HIS A 23 15.67 -22.83 1.60
CA HIS A 23 15.91 -21.48 1.11
C HIS A 23 17.41 -21.30 1.01
N TRP A 24 17.96 -21.76 -0.10
CA TRP A 24 19.39 -21.67 -0.34
C TRP A 24 19.81 -20.28 -0.78
N CYS A 25 18.86 -19.51 -1.27
CA CYS A 25 19.17 -18.18 -1.72
C CYS A 25 17.97 -17.27 -1.69
N SER A 26 18.26 -15.98 -1.90
CA SER A 26 17.29 -14.93 -1.95
C SER A 26 17.77 -14.11 -3.14
N ILE A 27 16.83 -13.61 -3.93
CA ILE A 27 17.19 -12.84 -5.11
C ILE A 27 16.52 -11.48 -5.19
N VAL A 28 17.32 -10.46 -5.53
CA VAL A 28 16.89 -9.07 -5.65
C VAL A 28 17.01 -8.60 -7.11
N TYR A 29 15.97 -7.91 -7.59
CA TYR A 29 15.92 -7.41 -8.96
C TYR A 29 16.31 -5.94 -9.05
N TYR A 30 16.88 -5.57 -10.20
CA TYR A 30 17.30 -4.21 -10.49
C TYR A 30 16.98 -3.81 -11.92
N GLU A 31 16.87 -2.49 -12.13
CA GLU A 31 16.67 -1.91 -13.44
C GLU A 31 17.64 -0.73 -13.35
N LEU A 32 18.81 -0.94 -13.96
CA LEU A 32 19.91 0.00 -13.97
C LEU A 32 20.49 0.17 -12.55
N ASN A 33 20.47 1.37 -11.98
CA ASN A 33 21.02 1.55 -10.65
C ASN A 33 19.95 1.42 -9.56
N ASN A 34 18.70 1.31 -9.98
CA ASN A 34 17.57 1.22 -9.04
C ASN A 34 17.01 -0.16 -8.77
N ARG A 35 16.80 -0.44 -7.50
CA ARG A 35 16.22 -1.71 -7.07
C ARG A 35 14.73 -1.67 -7.40
N VAL A 36 14.20 -2.77 -7.92
CA VAL A 36 12.79 -2.82 -8.32
C VAL A 36 12.02 -4.01 -7.77
N GLY A 37 10.94 -3.74 -7.05
CA GLY A 37 10.14 -4.82 -6.47
C GLY A 37 10.62 -5.29 -5.12
N GLU A 38 10.00 -6.33 -4.60
CA GLU A 38 10.40 -6.87 -3.31
C GLU A 38 11.40 -8.01 -3.56
N ALA A 39 12.02 -8.50 -2.48
CA ALA A 39 12.97 -9.60 -2.56
C ALA A 39 12.25 -10.96 -2.61
N PHE A 40 12.87 -11.92 -3.29
CA PHE A 40 12.33 -13.26 -3.46
C PHE A 40 13.16 -14.24 -2.64
N HIS A 41 12.47 -15.10 -1.90
CA HIS A 41 13.15 -16.11 -1.09
C HIS A 41 12.79 -17.50 -1.59
N ALA A 42 13.83 -18.25 -1.96
CA ALA A 42 13.70 -19.58 -2.49
C ALA A 42 13.11 -20.56 -1.49
N SER A 43 12.04 -21.25 -1.89
CA SER A 43 11.39 -22.24 -1.03
C SER A 43 11.44 -23.60 -1.70
N SER A 44 12.41 -23.77 -2.60
CA SER A 44 12.61 -25.03 -3.31
C SER A 44 13.95 -24.97 -4.05
N THR A 45 14.48 -26.14 -4.37
CA THR A 45 15.78 -26.20 -5.06
C THR A 45 15.67 -25.79 -6.51
N SER A 46 14.46 -25.61 -7.01
CA SER A 46 14.27 -25.19 -8.39
C SER A 46 13.41 -23.93 -8.44
N VAL A 47 14.05 -22.80 -8.79
CA VAL A 47 13.36 -21.51 -8.87
C VAL A 47 13.48 -20.94 -10.28
N LEU A 48 12.38 -20.38 -10.78
CA LEU A 48 12.37 -19.80 -12.11
C LEU A 48 12.23 -18.29 -11.97
N VAL A 49 13.13 -17.54 -12.60
CA VAL A 49 13.02 -16.09 -12.58
C VAL A 49 12.63 -15.76 -14.01
N ASP A 50 11.39 -15.31 -14.22
CA ASP A 50 10.93 -14.97 -15.56
C ASP A 50 10.35 -13.57 -15.64
N GLY A 51 10.01 -13.15 -16.84
CA GLY A 51 9.42 -11.83 -17.04
C GLY A 51 7.91 -11.89 -17.14
N PHE A 52 7.30 -12.88 -16.50
CA PHE A 52 5.86 -13.01 -16.55
C PHE A 52 5.17 -12.32 -15.39
N THR A 53 3.93 -12.70 -15.09
CA THR A 53 3.20 -11.97 -14.06
C THR A 53 2.48 -12.62 -12.89
N ASP A 54 2.96 -13.75 -12.39
CA ASP A 54 2.26 -14.34 -11.26
C ASP A 54 2.76 -13.66 -10.00
N PRO A 55 1.85 -13.01 -9.27
CA PRO A 55 2.12 -12.29 -8.02
C PRO A 55 2.57 -13.17 -6.88
N SER A 56 2.27 -14.46 -6.95
CA SER A 56 2.68 -15.37 -5.89
C SER A 56 4.21 -15.36 -5.84
N ASN A 57 4.76 -14.81 -4.76
CA ASN A 57 6.21 -14.72 -4.58
C ASN A 57 6.59 -15.71 -3.50
N ASN A 58 5.63 -16.57 -3.16
CA ASN A 58 5.79 -17.55 -2.09
C ASN A 58 6.27 -18.93 -2.51
N LYS A 59 6.52 -19.15 -3.80
CA LYS A 59 6.95 -20.49 -4.18
C LYS A 59 8.03 -20.68 -5.25
N ASN A 60 7.60 -21.28 -6.36
CA ASN A 60 8.47 -21.63 -7.48
C ASN A 60 9.03 -20.50 -8.36
N ARG A 61 8.18 -19.53 -8.67
CA ARG A 61 8.58 -18.46 -9.56
C ARG A 61 8.82 -17.09 -8.95
N PHE A 62 9.67 -16.32 -9.62
CA PHE A 62 9.99 -14.94 -9.25
C PHE A 62 9.70 -14.21 -10.57
N CYS A 63 8.45 -13.78 -10.74
CA CYS A 63 7.99 -13.10 -11.93
C CYS A 63 8.31 -11.62 -11.92
N LEU A 64 9.02 -11.17 -12.96
CA LEU A 64 9.44 -9.76 -13.07
C LEU A 64 8.48 -8.89 -13.90
N GLY A 65 7.57 -9.52 -14.62
CA GLY A 65 6.66 -8.78 -15.47
C GLY A 65 5.71 -7.81 -14.79
N LEU A 66 5.19 -8.18 -13.64
CA LEU A 66 4.24 -7.34 -12.93
C LEU A 66 4.88 -6.15 -12.22
N LEU A 67 6.17 -6.27 -11.94
CA LEU A 67 6.93 -5.23 -11.24
C LEU A 67 6.91 -3.87 -11.92
N SER A 68 6.72 -2.83 -11.11
CA SER A 68 6.67 -1.45 -11.58
C SER A 68 7.98 -0.72 -11.31
N ASN A 69 8.16 0.40 -12.00
CA ASN A 69 9.36 1.20 -11.83
C ASN A 69 9.14 2.58 -12.42
N VAL A 70 8.83 3.54 -11.56
CA VAL A 70 8.59 4.92 -11.97
C VAL A 70 9.75 5.50 -12.74
N ASN A 71 10.93 4.92 -12.55
CA ASN A 71 12.11 5.42 -13.24
C ASN A 71 12.40 4.64 -14.53
N ARG A 72 11.47 3.75 -14.90
CA ARG A 72 11.62 2.93 -16.09
C ARG A 72 11.58 3.77 -17.38
N ASN A 73 12.16 3.24 -18.46
CA ASN A 73 12.18 3.91 -19.77
C ASN A 73 12.15 2.90 -20.91
N SER A 74 11.84 3.39 -22.12
CA SER A 74 11.73 2.55 -23.31
C SER A 74 12.75 1.44 -23.45
N THR A 75 14.03 1.78 -23.33
CA THR A 75 15.06 0.77 -23.46
C THR A 75 14.98 -0.37 -22.41
N ILE A 76 14.55 -0.06 -21.18
CA ILE A 76 14.42 -1.10 -20.15
C ILE A 76 13.14 -1.86 -20.46
N GLU A 77 12.09 -1.13 -20.81
CA GLU A 77 10.82 -1.77 -21.15
C GLU A 77 11.09 -2.73 -22.30
N ASN A 78 11.89 -2.29 -23.28
CA ASN A 78 12.21 -3.14 -24.42
C ASN A 78 12.85 -4.43 -23.93
N THR A 79 13.90 -4.30 -23.13
CA THR A 79 14.61 -5.46 -22.60
C THR A 79 13.72 -6.39 -21.76
N ARG A 80 12.85 -5.81 -20.94
CA ARG A 80 11.96 -6.61 -20.11
C ARG A 80 11.07 -7.49 -20.99
N ARG A 81 10.70 -6.98 -22.15
CA ARG A 81 9.84 -7.72 -23.07
C ARG A 81 10.47 -9.01 -23.58
N HIS A 82 11.79 -9.13 -23.45
CA HIS A 82 12.51 -10.31 -23.91
C HIS A 82 13.11 -11.21 -22.84
N ILE A 83 12.73 -11.00 -21.59
CA ILE A 83 13.24 -11.85 -20.53
C ILE A 83 12.56 -13.22 -20.70
N GLY A 84 11.28 -13.19 -21.01
CA GLY A 84 10.55 -14.42 -21.24
C GLY A 84 10.63 -15.47 -20.15
N LYS A 85 11.02 -16.68 -20.52
CA LYS A 85 11.11 -17.79 -19.56
C LYS A 85 12.35 -17.61 -18.70
N GLY A 86 13.00 -16.47 -18.87
CA GLY A 86 14.17 -16.11 -18.09
C GLY A 86 15.31 -17.09 -17.85
N VAL A 87 15.56 -17.36 -16.58
CA VAL A 87 16.65 -18.24 -16.17
C VAL A 87 16.16 -19.27 -15.17
N HIS A 88 16.79 -20.44 -15.18
CA HIS A 88 16.43 -21.49 -14.25
C HIS A 88 17.62 -21.71 -13.31
N LEU A 89 17.42 -21.37 -12.05
CA LEU A 89 18.47 -21.55 -11.06
C LEU A 89 18.16 -22.89 -10.44
N TYR A 90 19.17 -23.72 -10.26
CA TYR A 90 18.96 -25.06 -9.73
C TYR A 90 20.02 -25.36 -8.69
N TYR A 91 19.58 -25.84 -7.53
CA TYR A 91 20.48 -26.17 -6.43
C TYR A 91 20.42 -27.65 -6.14
N VAL A 92 21.53 -28.35 -6.34
CA VAL A 92 21.58 -29.78 -6.11
C VAL A 92 23.01 -30.31 -5.97
N GLY A 93 23.21 -31.18 -4.99
CA GLY A 93 24.52 -31.76 -4.74
C GLY A 93 25.57 -30.72 -4.36
N GLY A 94 25.17 -29.73 -3.57
CA GLY A 94 26.12 -28.72 -3.17
C GLY A 94 26.69 -27.98 -4.36
N GLU A 95 25.83 -27.70 -5.33
CA GLU A 95 26.22 -26.99 -6.54
C GLU A 95 25.00 -26.33 -7.15
N VAL A 96 25.17 -25.11 -7.64
CA VAL A 96 24.06 -24.40 -8.23
C VAL A 96 24.33 -24.23 -9.72
N TYR A 97 23.29 -24.41 -10.51
CA TYR A 97 23.35 -24.31 -11.96
C TYR A 97 22.42 -23.21 -12.46
N ALA A 98 22.70 -22.71 -13.66
CA ALA A 98 21.87 -21.68 -14.25
C ALA A 98 21.59 -22.09 -15.69
N GLU A 99 20.31 -22.18 -16.02
CA GLU A 99 19.87 -22.58 -17.33
C GLU A 99 19.14 -21.39 -17.92
N CYS A 100 19.52 -21.02 -19.14
CA CYS A 100 18.89 -19.88 -19.79
C CYS A 100 17.73 -20.36 -20.64
N LEU A 101 16.51 -20.22 -20.11
CA LEU A 101 15.31 -20.65 -20.82
C LEU A 101 14.80 -19.58 -21.78
N SER A 102 15.16 -18.33 -21.50
CA SER A 102 14.76 -17.21 -22.33
C SER A 102 15.29 -17.38 -23.76
N ASP A 103 14.69 -16.70 -24.73
CA ASP A 103 15.17 -16.79 -26.11
C ASP A 103 16.45 -15.98 -26.21
N SER A 104 16.60 -15.00 -25.32
CA SER A 104 17.78 -14.15 -25.32
C SER A 104 18.83 -14.71 -24.38
N SER A 105 20.06 -14.23 -24.54
CA SER A 105 21.15 -14.70 -23.73
C SER A 105 21.01 -14.17 -22.32
N ILE A 106 21.90 -14.66 -21.47
CA ILE A 106 21.93 -14.25 -20.09
C ILE A 106 23.41 -14.19 -19.76
N PHE A 107 23.81 -13.21 -18.94
CA PHE A 107 25.21 -13.05 -18.59
C PHE A 107 25.38 -13.12 -17.08
N VAL A 108 26.33 -13.94 -16.62
CA VAL A 108 26.53 -14.14 -15.18
C VAL A 108 27.93 -13.80 -14.67
N GLN A 109 27.99 -13.22 -13.48
CA GLN A 109 29.26 -12.88 -12.86
C GLN A 109 29.35 -13.55 -11.50
N SER A 110 30.03 -14.70 -11.47
CA SER A 110 30.21 -15.48 -10.26
C SER A 110 31.67 -15.69 -9.96
N ARG A 111 32.14 -15.12 -8.85
CA ARG A 111 33.54 -15.25 -8.46
C ARG A 111 33.92 -16.72 -8.24
N ASN A 112 33.06 -17.44 -7.53
CA ASN A 112 33.31 -18.85 -7.27
C ASN A 112 33.55 -19.57 -8.58
N CYS A 113 32.69 -19.32 -9.56
CA CYS A 113 32.83 -19.94 -10.88
C CYS A 113 34.12 -19.44 -11.52
N ASN A 114 34.30 -18.13 -11.54
CA ASN A 114 35.48 -17.52 -12.12
C ASN A 114 36.79 -18.07 -11.57
N TYR A 115 36.74 -18.57 -10.35
CA TYR A 115 37.92 -19.14 -9.71
C TYR A 115 38.10 -20.57 -10.22
N HIS A 116 37.01 -21.33 -10.24
CA HIS A 116 37.02 -22.71 -10.69
C HIS A 116 37.49 -22.86 -12.14
N HIS A 117 37.35 -21.79 -12.92
CA HIS A 117 37.77 -21.82 -14.32
C HIS A 117 39.05 -21.05 -14.56
N GLY A 118 39.52 -20.33 -13.53
CA GLY A 118 40.75 -19.58 -13.68
C GLY A 118 40.60 -18.29 -14.45
N PHE A 119 39.38 -17.76 -14.51
CA PHE A 119 39.11 -16.50 -15.20
C PHE A 119 39.39 -15.38 -14.21
N HIS A 120 39.44 -14.15 -14.70
CA HIS A 120 39.68 -13.02 -13.80
C HIS A 120 38.39 -12.81 -12.99
N PRO A 121 38.51 -12.52 -11.69
CA PRO A 121 37.35 -12.33 -10.81
C PRO A 121 36.11 -11.61 -11.38
N THR A 122 36.30 -10.47 -12.03
CA THR A 122 35.18 -9.70 -12.58
C THR A 122 34.59 -10.27 -13.87
N THR A 123 35.19 -11.35 -14.36
CA THR A 123 34.74 -11.99 -15.59
C THR A 123 33.24 -12.25 -15.65
N VAL A 124 32.64 -11.84 -16.77
CA VAL A 124 31.21 -12.04 -17.03
C VAL A 124 31.07 -13.20 -18.02
N CYS A 125 30.26 -14.20 -17.68
CA CYS A 125 30.04 -15.34 -18.54
C CYS A 125 28.67 -15.31 -19.18
N LYS A 126 28.65 -15.46 -20.50
CA LYS A 126 27.40 -15.48 -21.23
C LYS A 126 26.87 -16.91 -21.24
N ILE A 127 25.57 -17.05 -21.02
CA ILE A 127 24.93 -18.34 -21.06
C ILE A 127 23.90 -18.17 -22.19
N PRO A 128 24.15 -18.81 -23.35
CA PRO A 128 23.26 -18.74 -24.51
C PRO A 128 21.93 -19.46 -24.32
N SER A 129 20.91 -18.97 -25.01
CA SER A 129 19.57 -19.53 -24.95
C SER A 129 19.60 -21.05 -25.04
N GLY A 130 19.00 -21.71 -24.05
CA GLY A 130 18.94 -23.15 -24.01
C GLY A 130 20.13 -23.84 -23.37
N CYS A 131 21.21 -23.09 -23.17
CA CYS A 131 22.40 -23.68 -22.58
C CYS A 131 22.37 -23.73 -21.06
N SER A 132 23.45 -24.19 -20.45
CA SER A 132 23.51 -24.30 -19.01
C SER A 132 24.94 -24.18 -18.50
N LEU A 133 25.07 -23.74 -17.24
CA LEU A 133 26.38 -23.54 -16.64
C LEU A 133 26.35 -23.64 -15.11
N LYS A 134 27.39 -24.23 -14.55
CA LYS A 134 27.52 -24.37 -13.13
C LYS A 134 28.13 -23.07 -12.64
N ILE A 135 27.39 -22.35 -11.79
CA ILE A 135 27.88 -21.07 -11.30
C ILE A 135 28.40 -21.08 -9.86
N PHE A 136 28.38 -22.23 -9.19
CA PHE A 136 28.88 -22.31 -7.82
C PHE A 136 29.07 -23.73 -7.28
N ASN A 137 30.13 -23.92 -6.48
CA ASN A 137 30.43 -25.22 -5.84
C ASN A 137 30.79 -24.98 -4.37
N ASN A 138 29.99 -25.54 -3.47
CA ASN A 138 30.21 -25.36 -2.05
C ASN A 138 31.54 -25.88 -1.52
N GLN A 139 31.84 -27.14 -1.82
CA GLN A 139 33.09 -27.75 -1.38
C GLN A 139 34.26 -26.86 -1.78
N GLU A 140 34.18 -26.31 -2.98
CA GLU A 140 35.23 -25.41 -3.45
C GLU A 140 35.31 -24.19 -2.53
N PHE A 141 34.17 -23.52 -2.34
CA PHE A 141 34.13 -22.35 -1.49
C PHE A 141 34.48 -22.65 -0.02
N ALA A 142 33.99 -23.78 0.48
CA ALA A 142 34.29 -24.16 1.87
C ALA A 142 35.80 -24.28 2.02
N GLN A 143 36.43 -24.85 0.99
CA GLN A 143 37.88 -25.04 1.00
C GLN A 143 38.57 -23.69 1.03
N LEU A 144 38.12 -22.76 0.19
CA LEU A 144 38.70 -21.43 0.15
C LEU A 144 38.48 -20.74 1.49
N LEU A 145 37.35 -21.03 2.12
CA LEU A 145 37.02 -20.44 3.41
C LEU A 145 38.00 -20.95 4.43
N ALA A 146 38.29 -22.24 4.34
CA ALA A 146 39.22 -22.89 5.24
C ALA A 146 40.62 -22.32 5.07
N GLN A 147 41.09 -22.26 3.82
CA GLN A 147 42.42 -21.76 3.50
C GLN A 147 42.73 -20.31 3.91
N SER A 148 41.78 -19.66 4.58
CA SER A 148 41.99 -18.28 5.01
C SER A 148 41.48 -18.00 6.41
N VAL A 149 41.05 -19.05 7.11
CA VAL A 149 40.53 -18.93 8.47
C VAL A 149 41.53 -18.19 9.37
N ASN A 150 42.80 -18.46 9.14
CA ASN A 150 43.88 -17.83 9.90
C ASN A 150 44.81 -17.13 8.92
N HIS A 151 44.28 -16.09 8.28
CA HIS A 151 45.06 -15.34 7.30
C HIS A 151 44.76 -13.84 7.41
N GLY A 152 43.61 -13.52 8.01
CA GLY A 152 43.25 -12.11 8.18
C GLY A 152 41.78 -11.77 8.01
N PHE A 153 41.23 -11.08 9.02
CA PHE A 153 39.83 -10.66 9.01
C PHE A 153 39.53 -9.91 7.71
N GLU A 154 40.50 -9.13 7.27
CA GLU A 154 40.33 -8.35 6.05
C GLU A 154 40.07 -9.25 4.86
N THR A 155 40.89 -10.27 4.68
CA THR A 155 40.73 -11.18 3.55
C THR A 155 39.59 -12.15 3.71
N VAL A 156 39.22 -12.48 4.95
CA VAL A 156 38.12 -13.41 5.18
C VAL A 156 36.78 -12.70 4.97
N TYR A 157 36.75 -11.41 5.27
CA TYR A 157 35.57 -10.57 5.10
C TYR A 157 35.28 -10.43 3.61
N GLU A 158 36.35 -10.38 2.83
CA GLU A 158 36.24 -10.26 1.38
C GLU A 158 35.53 -11.43 0.73
N LEU A 159 35.53 -12.57 1.41
CA LEU A 159 34.87 -13.75 0.87
C LEU A 159 33.36 -13.54 0.77
N THR A 160 32.88 -12.47 1.35
CA THR A 160 31.46 -12.18 1.31
C THR A 160 31.05 -12.03 -0.15
N LYS A 161 31.86 -11.29 -0.88
CA LYS A 161 31.63 -11.04 -2.30
C LYS A 161 31.47 -12.34 -3.08
N MET A 162 32.09 -13.41 -2.58
CA MET A 162 32.02 -14.72 -3.23
C MET A 162 30.61 -15.33 -3.17
N CYS A 163 29.84 -14.95 -2.15
CA CYS A 163 28.52 -15.51 -1.94
C CYS A 163 27.37 -14.84 -2.66
N THR A 164 27.68 -13.83 -3.45
CA THR A 164 26.66 -13.14 -4.20
C THR A 164 27.03 -13.30 -5.68
N ILE A 165 26.01 -13.42 -6.53
CA ILE A 165 26.20 -13.60 -7.96
C ILE A 165 25.30 -12.61 -8.69
N ARG A 166 25.80 -12.04 -9.78
CA ARG A 166 25.01 -11.09 -10.53
C ARG A 166 24.84 -11.51 -11.99
N MET A 167 23.61 -11.43 -12.49
CA MET A 167 23.36 -11.78 -13.88
C MET A 167 22.28 -10.90 -14.47
N SER A 168 22.46 -10.50 -15.72
CA SER A 168 21.51 -9.63 -16.39
C SER A 168 20.93 -10.30 -17.60
N PHE A 169 19.70 -9.92 -17.95
CA PHE A 169 19.03 -10.51 -19.09
C PHE A 169 19.32 -9.73 -20.37
N VAL A 170 19.57 -10.44 -21.46
CA VAL A 170 19.80 -9.80 -22.75
C VAL A 170 21.07 -8.99 -22.97
N LYS A 171 21.22 -7.92 -22.20
CA LYS A 171 22.35 -7.01 -22.35
C LYS A 171 23.61 -7.45 -21.62
N GLY A 172 24.72 -7.51 -22.36
CA GLY A 172 25.94 -7.94 -21.71
C GLY A 172 26.61 -6.75 -21.04
N TRP A 173 27.78 -7.00 -20.47
CA TRP A 173 28.53 -5.93 -19.82
C TRP A 173 29.92 -6.48 -19.58
N GLY A 174 30.90 -5.59 -19.49
CA GLY A 174 32.28 -5.98 -19.31
C GLY A 174 33.01 -5.91 -20.65
N ALA A 175 34.24 -6.43 -20.68
CA ALA A 175 35.04 -6.43 -21.90
C ALA A 175 34.20 -6.92 -23.07
N GLU A 176 34.43 -6.32 -24.25
CA GLU A 176 33.74 -6.66 -25.50
C GLU A 176 32.38 -5.95 -25.65
N TYR A 177 31.86 -5.45 -24.53
CA TYR A 177 30.60 -4.73 -24.50
C TYR A 177 30.90 -3.27 -24.15
N HIS A 178 29.96 -2.37 -24.49
CA HIS A 178 30.16 -0.97 -24.16
C HIS A 178 29.94 -0.82 -22.66
N ARG A 179 28.80 -1.36 -22.20
CA ARG A 179 28.45 -1.33 -20.78
C ARG A 179 29.58 -2.02 -20.01
N GLN A 180 30.06 -1.39 -18.94
CA GLN A 180 31.12 -1.99 -18.15
C GLN A 180 30.64 -2.56 -16.82
N ASP A 181 29.67 -1.93 -16.17
CA ASP A 181 29.17 -2.45 -14.90
C ASP A 181 27.76 -3.04 -15.01
N VAL A 182 27.34 -3.78 -13.99
CA VAL A 182 26.02 -4.38 -14.02
C VAL A 182 24.96 -3.32 -13.72
N THR A 183 25.40 -2.17 -13.22
CA THR A 183 24.47 -1.10 -12.93
C THR A 183 24.02 -0.37 -14.19
N SER A 184 24.60 -0.72 -15.34
CA SER A 184 24.24 -0.10 -16.62
C SER A 184 23.29 -0.94 -17.48
N THR A 185 23.19 -2.23 -17.19
CA THR A 185 22.29 -3.12 -17.91
C THR A 185 20.89 -2.80 -17.42
N PRO A 186 19.89 -2.83 -18.32
CA PRO A 186 18.51 -2.53 -17.92
C PRO A 186 17.75 -3.54 -17.03
N CYS A 187 18.16 -4.80 -17.05
CA CYS A 187 17.49 -5.81 -16.23
C CYS A 187 18.47 -6.79 -15.64
N TRP A 188 18.64 -6.74 -14.31
CA TRP A 188 19.53 -7.66 -13.66
C TRP A 188 19.11 -8.06 -12.24
N ILE A 189 19.77 -9.08 -11.72
CA ILE A 189 19.45 -9.59 -10.40
C ILE A 189 20.69 -9.97 -9.66
N GLU A 190 20.56 -10.02 -8.34
CA GLU A 190 21.65 -10.37 -7.46
C GLU A 190 21.12 -11.51 -6.62
N ILE A 191 21.90 -12.58 -6.52
CA ILE A 191 21.52 -13.78 -5.77
C ILE A 191 22.42 -13.97 -4.57
N HIS A 192 21.83 -14.01 -3.38
CA HIS A 192 22.61 -14.23 -2.16
C HIS A 192 22.46 -15.71 -1.80
N LEU A 193 23.59 -16.38 -1.56
CA LEU A 193 23.58 -17.80 -1.19
C LEU A 193 23.64 -17.93 0.33
N HIS A 194 22.53 -18.32 0.94
CA HIS A 194 22.48 -18.43 2.39
C HIS A 194 23.43 -19.45 3.02
N GLY A 195 23.50 -20.64 2.44
CA GLY A 195 24.43 -21.63 2.96
C GLY A 195 25.82 -21.03 3.15
N PRO A 196 26.50 -20.65 2.05
CA PRO A 196 27.84 -20.06 2.10
C PRO A 196 27.97 -18.85 3.05
N LEU A 197 26.98 -17.97 3.01
CA LEU A 197 26.99 -16.78 3.88
C LEU A 197 26.97 -17.16 5.37
N GLN A 198 26.23 -18.23 5.67
CA GLN A 198 26.10 -18.69 7.03
C GLN A 198 27.42 -19.28 7.52
N TRP A 199 28.01 -20.17 6.72
CA TRP A 199 29.26 -20.79 7.13
C TRP A 199 30.28 -19.68 7.30
N LEU A 200 30.29 -18.74 6.36
CA LEU A 200 31.22 -17.64 6.44
C LEU A 200 31.00 -16.91 7.74
N ASP A 201 29.76 -16.92 8.20
CA ASP A 201 29.41 -16.25 9.43
C ASP A 201 30.10 -16.93 10.60
N LYS A 202 29.91 -18.24 10.71
CA LYS A 202 30.50 -19.05 11.77
C LYS A 202 31.97 -18.72 11.96
N VAL A 203 32.64 -18.36 10.87
CA VAL A 203 34.06 -18.04 10.95
C VAL A 203 34.35 -16.58 11.27
N LEU A 204 33.66 -15.66 10.61
CA LEU A 204 33.87 -14.24 10.85
C LEU A 204 33.60 -13.88 12.30
N THR A 205 32.72 -14.64 12.94
CA THR A 205 32.36 -14.37 14.33
C THR A 205 33.62 -14.22 15.20
N GLN A 206 34.73 -14.80 14.74
CA GLN A 206 36.01 -14.72 15.47
C GLN A 206 36.83 -13.52 14.98
N MET A 207 36.40 -12.31 15.35
CA MET A 207 37.08 -11.10 14.92
C MET A 207 37.99 -10.42 15.94
N GLY A 208 37.42 -9.52 16.76
CA GLY A 208 38.21 -8.80 17.74
C GLY A 208 39.29 -8.03 17.04
N SER A 209 38.89 -7.26 16.02
CA SER A 209 39.81 -6.49 15.22
C SER A 209 39.95 -5.01 15.54
N PRO A 210 40.81 -4.66 16.51
CA PRO A 210 41.01 -3.25 16.87
C PRO A 210 41.79 -2.53 15.76
N HIS A 211 42.24 -3.30 14.78
CA HIS A 211 43.01 -2.81 13.63
C HIS A 211 42.45 -1.49 13.08
N ASN A 212 43.32 -0.72 12.44
CA ASN A 212 42.98 0.57 11.84
C ASN A 212 41.87 1.36 12.55
N PRO A 213 41.94 1.48 13.89
CA PRO A 213 40.92 2.22 14.64
C PRO A 213 40.73 3.63 14.10
N ILE A 214 39.58 3.86 13.47
CA ILE A 214 39.26 5.16 12.88
C ILE A 214 38.62 6.20 13.77
N SER A 215 38.23 7.31 13.15
CA SER A 215 37.62 8.44 13.84
C SER A 215 36.10 8.38 13.97
N SER A 216 35.60 8.94 15.06
CA SER A 216 34.16 8.99 15.31
C SER A 216 33.73 10.41 14.95
N VAL A 217 34.68 11.20 14.49
CA VAL A 217 34.43 12.59 14.11
C VAL A 217 34.48 12.84 12.61
N SER A 218 35.66 12.62 12.04
CA SER A 218 35.89 12.80 10.62
C SER A 218 35.15 11.72 9.83
N LYS B 22 -5.53 -15.08 -0.22
CA LYS B 22 -4.31 -15.12 -1.09
C LYS B 22 -4.00 -13.72 -1.59
N HIS B 23 -4.53 -12.73 -0.89
CA HIS B 23 -4.35 -11.32 -1.23
C HIS B 23 -4.98 -11.00 -2.58
N TRP B 24 -5.99 -10.15 -2.58
CA TRP B 24 -6.58 -9.80 -3.86
C TRP B 24 -5.81 -8.62 -4.43
N CYS B 25 -4.82 -8.15 -3.66
CA CYS B 25 -3.98 -7.05 -4.11
C CYS B 25 -2.82 -6.76 -3.17
N SER B 26 -1.87 -5.98 -3.68
CA SER B 26 -0.73 -5.53 -2.90
C SER B 26 -0.67 -4.05 -3.24
N ILE B 27 -0.25 -3.26 -2.27
CA ILE B 27 -0.16 -1.83 -2.45
C ILE B 27 1.19 -1.32 -1.97
N VAL B 28 1.65 -0.25 -2.62
CA VAL B 28 2.92 0.34 -2.29
C VAL B 28 2.70 1.84 -2.10
N TYR B 29 3.50 2.43 -1.24
CA TYR B 29 3.38 3.85 -0.95
C TYR B 29 4.54 4.68 -1.46
N TYR B 30 4.24 5.89 -1.92
CA TYR B 30 5.26 6.80 -2.43
C TYR B 30 5.05 8.23 -1.95
N GLU B 31 6.16 8.96 -1.88
CA GLU B 31 6.16 10.37 -1.54
C GLU B 31 7.01 10.94 -2.65
N LEU B 32 6.35 11.53 -3.64
CA LEU B 32 7.01 12.11 -4.80
C LEU B 32 7.56 10.98 -5.65
N ASN B 33 8.83 11.01 -5.98
CA ASN B 33 9.39 9.94 -6.83
C ASN B 33 9.94 8.78 -6.03
N ASN B 34 10.01 8.92 -4.71
CA ASN B 34 10.56 7.86 -3.87
C ASN B 34 9.53 6.94 -3.22
N ARG B 35 9.90 5.68 -3.06
CA ARG B 35 9.04 4.68 -2.44
C ARG B 35 9.23 4.82 -0.91
N VAL B 36 8.14 4.72 -0.14
CA VAL B 36 8.24 4.86 1.32
C VAL B 36 7.59 3.72 2.08
N GLY B 37 8.37 3.07 2.94
CA GLY B 37 7.84 1.96 3.71
C GLY B 37 7.82 0.65 2.95
N GLU B 38 7.24 -0.38 3.56
CA GLU B 38 7.15 -1.71 2.95
C GLU B 38 5.86 -1.91 2.16
N ALA B 39 5.81 -3.00 1.40
CA ALA B 39 4.61 -3.31 0.61
C ALA B 39 3.54 -3.93 1.51
N PHE B 40 2.29 -3.54 1.28
CA PHE B 40 1.17 -4.07 2.04
C PHE B 40 0.41 -5.15 1.28
N HIS B 41 0.28 -6.34 1.87
CA HIS B 41 -0.46 -7.43 1.22
C HIS B 41 -1.84 -7.66 1.85
N ALA B 42 -2.88 -7.34 1.09
CA ALA B 42 -4.28 -7.48 1.50
C ALA B 42 -4.65 -8.86 2.02
N SER B 43 -5.24 -8.91 3.21
CA SER B 43 -5.64 -10.19 3.78
C SER B 43 -7.15 -10.29 3.89
N SER B 44 -7.84 -9.29 3.38
CA SER B 44 -9.30 -9.26 3.43
C SER B 44 -9.86 -8.44 2.27
N THR B 45 -11.16 -8.56 2.05
CA THR B 45 -11.82 -7.87 0.96
C THR B 45 -11.95 -6.39 1.20
N SER B 46 -11.78 -5.96 2.44
CA SER B 46 -11.90 -4.55 2.76
C SER B 46 -10.59 -4.02 3.32
N VAL B 47 -9.99 -3.07 2.63
CA VAL B 47 -8.72 -2.55 3.09
C VAL B 47 -8.74 -1.05 3.27
N LEU B 48 -8.17 -0.60 4.38
CA LEU B 48 -8.10 0.81 4.67
C LEU B 48 -6.65 1.24 4.53
N VAL B 49 -6.43 2.29 3.77
CA VAL B 49 -5.10 2.85 3.57
C VAL B 49 -5.25 4.22 4.23
N ASP B 50 -4.81 4.32 5.48
CA ASP B 50 -4.97 5.58 6.19
C ASP B 50 -3.67 6.25 6.61
N GLY B 51 -3.81 7.42 7.24
CA GLY B 51 -2.66 8.18 7.67
C GLY B 51 -2.40 8.08 9.16
N PHE B 52 -2.81 6.97 9.76
CA PHE B 52 -2.58 6.78 11.19
C PHE B 52 -1.36 5.92 11.51
N THR B 53 -1.27 5.38 12.71
CA THR B 53 -0.06 4.65 13.06
C THR B 53 0.02 3.18 13.46
N ASP B 54 -1.03 2.38 13.29
CA ASP B 54 -0.93 0.96 13.69
C ASP B 54 0.13 0.23 12.86
N PRO B 55 1.20 -0.24 13.53
CA PRO B 55 2.32 -0.95 12.90
C PRO B 55 1.94 -2.25 12.21
N SER B 56 0.95 -2.96 12.75
CA SER B 56 0.54 -4.21 12.13
C SER B 56 0.30 -4.04 10.63
N ASN B 57 0.92 -4.89 9.84
CA ASN B 57 0.78 -4.83 8.38
C ASN B 57 0.22 -6.18 7.93
N ASN B 58 -0.31 -6.92 8.90
CA ASN B 58 -0.86 -8.25 8.68
C ASN B 58 -2.38 -8.36 8.54
N LYS B 59 -3.10 -7.26 8.59
CA LYS B 59 -4.55 -7.39 8.48
C LYS B 59 -5.34 -6.39 7.66
N ASN B 60 -6.21 -5.64 8.34
CA ASN B 60 -7.14 -4.68 7.74
C ASN B 60 -6.61 -3.33 7.25
N ARG B 61 -5.65 -2.75 7.94
CA ARG B 61 -5.16 -1.42 7.57
C ARG B 61 -3.72 -1.29 7.13
N PHE B 62 -3.51 -0.33 6.24
CA PHE B 62 -2.20 0.01 5.71
C PHE B 62 -2.03 1.43 6.24
N CYS B 63 -1.35 1.56 7.39
CA CYS B 63 -1.13 2.86 8.02
C CYS B 63 0.11 3.59 7.53
N LEU B 64 -0.09 4.81 7.05
CA LEU B 64 1.00 5.62 6.50
C LEU B 64 1.65 6.63 7.46
N GLY B 65 0.96 6.94 8.56
CA GLY B 65 1.45 7.92 9.53
C GLY B 65 2.76 7.59 10.22
N LEU B 66 3.03 6.30 10.37
CA LEU B 66 4.24 5.83 11.04
C LEU B 66 5.47 5.74 10.13
N LEU B 67 5.26 5.80 8.80
CA LEU B 67 6.36 5.67 7.85
C LEU B 67 7.28 6.88 7.78
N SER B 68 8.58 6.62 7.73
CA SER B 68 9.54 7.70 7.64
C SER B 68 10.09 7.85 6.24
N ASN B 69 10.63 9.03 5.95
CA ASN B 69 11.22 9.35 4.67
C ASN B 69 12.33 10.37 4.94
N VAL B 70 13.58 9.96 4.73
CA VAL B 70 14.68 10.88 4.94
C VAL B 70 14.68 11.98 3.90
N ASN B 71 13.83 11.87 2.88
CA ASN B 71 13.78 12.88 1.84
C ASN B 71 12.54 13.74 1.95
N ARG B 72 11.82 13.52 3.03
CA ARG B 72 10.58 14.24 3.30
C ARG B 72 10.80 15.73 3.46
N ASN B 73 9.78 16.51 3.10
CA ASN B 73 9.83 17.95 3.24
C ASN B 73 8.50 18.49 3.79
N SER B 74 8.53 19.73 4.28
CA SER B 74 7.35 20.36 4.86
C SER B 74 6.07 20.13 4.04
N THR B 75 6.10 20.50 2.76
CA THR B 75 4.93 20.31 1.91
C THR B 75 4.42 18.87 1.87
N ILE B 76 5.31 17.88 1.82
CA ILE B 76 4.84 16.51 1.81
C ILE B 76 4.21 16.24 3.16
N GLU B 77 4.87 16.74 4.21
CA GLU B 77 4.36 16.54 5.55
C GLU B 77 2.98 17.21 5.67
N ASN B 78 2.83 18.40 5.09
CA ASN B 78 1.53 19.06 5.18
C ASN B 78 0.49 18.06 4.71
N THR B 79 0.62 17.63 3.46
CA THR B 79 -0.30 16.68 2.83
C THR B 79 -0.56 15.46 3.72
N ARG B 80 0.50 14.90 4.29
CA ARG B 80 0.36 13.72 5.12
C ARG B 80 -0.63 13.93 6.26
N ARG B 81 -0.69 15.15 6.77
CA ARG B 81 -1.60 15.49 7.87
C ARG B 81 -3.07 15.50 7.44
N HIS B 82 -3.31 15.60 6.15
CA HIS B 82 -4.67 15.64 5.61
C HIS B 82 -5.16 14.29 5.08
N ILE B 83 -4.28 13.30 5.09
CA ILE B 83 -4.66 11.98 4.60
C ILE B 83 -5.84 11.40 5.41
N GLY B 84 -5.78 11.56 6.72
CA GLY B 84 -6.86 11.06 7.57
C GLY B 84 -7.24 9.59 7.45
N LYS B 85 -8.56 9.37 7.32
CA LYS B 85 -9.11 8.02 7.21
C LYS B 85 -8.75 7.48 5.85
N GLY B 86 -8.39 8.39 4.97
CA GLY B 86 -7.97 8.02 3.63
C GLY B 86 -8.95 7.36 2.69
N VAL B 87 -8.46 6.36 1.98
CA VAL B 87 -9.27 5.62 1.00
C VAL B 87 -9.58 4.22 1.48
N HIS B 88 -10.77 3.76 1.12
CA HIS B 88 -11.24 2.42 1.47
C HIS B 88 -11.26 1.61 0.18
N LEU B 89 -10.52 0.50 0.14
CA LEU B 89 -10.51 -0.31 -1.08
C LEU B 89 -11.34 -1.57 -0.84
N TYR B 90 -12.46 -1.67 -1.55
CA TYR B 90 -13.38 -2.79 -1.41
C TYR B 90 -13.42 -3.70 -2.62
N TYR B 91 -13.26 -4.99 -2.37
CA TYR B 91 -13.26 -6.02 -3.39
C TYR B 91 -14.45 -6.98 -3.18
N VAL B 92 -15.40 -6.97 -4.12
CA VAL B 92 -16.56 -7.82 -4.01
C VAL B 92 -17.15 -8.18 -5.37
N GLY B 93 -17.59 -9.42 -5.51
CA GLY B 93 -18.20 -9.89 -6.74
C GLY B 93 -17.37 -9.63 -7.97
N GLY B 94 -16.06 -9.78 -7.83
CA GLY B 94 -15.16 -9.54 -8.95
C GLY B 94 -15.04 -8.09 -9.41
N GLU B 95 -15.37 -7.16 -8.53
CA GLU B 95 -15.27 -5.74 -8.87
C GLU B 95 -14.65 -5.06 -7.68
N VAL B 96 -13.78 -4.08 -7.92
CA VAL B 96 -13.17 -3.39 -6.79
C VAL B 96 -13.65 -1.95 -6.78
N TYR B 97 -13.88 -1.43 -5.57
CA TYR B 97 -14.35 -0.07 -5.41
C TYR B 97 -13.43 0.78 -4.54
N ALA B 98 -13.48 2.08 -4.77
CA ALA B 98 -12.69 3.05 -4.04
C ALA B 98 -13.60 4.09 -3.42
N GLU B 99 -13.54 4.19 -2.09
CA GLU B 99 -14.35 5.14 -1.34
C GLU B 99 -13.43 6.06 -0.58
N CYS B 100 -13.67 7.37 -0.70
CA CYS B 100 -12.86 8.39 -0.04
C CYS B 100 -13.38 8.71 1.35
N LEU B 101 -12.69 8.23 2.37
CA LEU B 101 -13.11 8.48 3.74
C LEU B 101 -12.42 9.71 4.34
N SER B 102 -11.35 10.16 3.68
CA SER B 102 -10.60 11.33 4.13
C SER B 102 -11.47 12.58 3.98
N ASP B 103 -11.06 13.67 4.62
CA ASP B 103 -11.82 14.91 4.51
C ASP B 103 -11.37 15.56 3.22
N SER B 104 -10.25 15.06 2.70
CA SER B 104 -9.70 15.58 1.45
C SER B 104 -10.07 14.67 0.30
N SER B 105 -9.97 15.17 -0.92
CA SER B 105 -10.31 14.35 -2.07
C SER B 105 -9.20 13.38 -2.40
N ILE B 106 -9.50 12.52 -3.36
CA ILE B 106 -8.55 11.52 -3.78
C ILE B 106 -8.58 11.50 -5.30
N PHE B 107 -7.49 11.06 -5.93
CA PHE B 107 -7.44 11.00 -7.39
C PHE B 107 -6.94 9.65 -7.83
N VAL B 108 -7.71 9.01 -8.73
CA VAL B 108 -7.36 7.68 -9.20
C VAL B 108 -7.19 7.54 -10.70
N GLN B 109 -6.12 6.86 -11.09
CA GLN B 109 -5.86 6.61 -12.49
C GLN B 109 -5.99 5.11 -12.69
N SER B 110 -7.05 4.71 -13.38
CA SER B 110 -7.34 3.31 -13.63
C SER B 110 -7.75 3.10 -15.07
N ARG B 111 -6.93 2.39 -15.82
CA ARG B 111 -7.21 2.12 -17.22
C ARG B 111 -8.56 1.42 -17.39
N ASN B 112 -8.73 0.29 -16.70
CA ASN B 112 -9.97 -0.47 -16.75
C ASN B 112 -11.12 0.51 -16.56
N CYS B 113 -11.10 1.24 -15.45
CA CYS B 113 -12.13 2.22 -15.15
C CYS B 113 -12.27 3.16 -16.34
N ASN B 114 -11.17 3.78 -16.73
CA ASN B 114 -11.15 4.72 -17.87
C ASN B 114 -11.71 4.11 -19.16
N TYR B 115 -11.48 2.81 -19.35
CA TYR B 115 -11.95 2.09 -20.53
C TYR B 115 -13.47 1.88 -20.48
N HIS B 116 -13.98 1.67 -19.28
CA HIS B 116 -15.41 1.44 -19.07
C HIS B 116 -16.25 2.69 -19.26
N HIS B 117 -15.70 3.85 -18.91
CA HIS B 117 -16.42 5.11 -19.05
C HIS B 117 -16.14 5.75 -20.41
N GLY B 118 -15.09 5.28 -21.07
CA GLY B 118 -14.75 5.81 -22.38
C GLY B 118 -13.70 6.92 -22.36
N PHE B 119 -13.24 7.28 -21.17
CA PHE B 119 -12.25 8.34 -21.02
C PHE B 119 -10.93 7.91 -21.65
N HIS B 120 -10.01 8.85 -21.75
CA HIS B 120 -8.66 8.61 -22.28
C HIS B 120 -7.88 7.78 -21.24
N PRO B 121 -7.10 6.78 -21.70
CA PRO B 121 -6.29 5.90 -20.84
C PRO B 121 -5.54 6.50 -19.66
N THR B 122 -5.04 7.73 -19.80
CA THR B 122 -4.31 8.36 -18.72
C THR B 122 -5.20 9.23 -17.83
N THR B 123 -6.51 9.22 -18.10
CA THR B 123 -7.47 10.00 -17.32
C THR B 123 -7.36 9.76 -15.81
N VAL B 124 -7.25 10.84 -15.04
CA VAL B 124 -7.16 10.74 -13.60
C VAL B 124 -8.47 11.21 -12.98
N CYS B 125 -9.22 10.28 -12.40
CA CYS B 125 -10.51 10.61 -11.79
C CYS B 125 -10.41 11.13 -10.35
N LYS B 126 -11.15 12.20 -10.06
CA LYS B 126 -11.15 12.79 -8.73
C LYS B 126 -12.29 12.15 -7.95
N ILE B 127 -12.02 11.71 -6.73
CA ILE B 127 -13.05 11.11 -5.90
C ILE B 127 -13.16 11.97 -4.65
N PRO B 128 -14.21 12.80 -4.56
CA PRO B 128 -14.44 13.69 -3.41
C PRO B 128 -14.65 12.97 -2.06
N SER B 129 -14.59 13.74 -0.98
CA SER B 129 -14.77 13.15 0.33
C SER B 129 -16.18 12.56 0.45
N GLY B 130 -16.25 11.27 0.81
CA GLY B 130 -17.53 10.60 0.96
C GLY B 130 -18.04 9.89 -0.29
N CYS B 131 -17.53 10.27 -1.44
CA CYS B 131 -17.96 9.67 -2.69
C CYS B 131 -17.35 8.30 -2.94
N SER B 132 -17.89 7.59 -3.93
CA SER B 132 -17.41 6.26 -4.30
C SER B 132 -17.18 6.11 -5.83
N LEU B 133 -16.32 5.17 -6.20
CA LEU B 133 -16.05 4.94 -7.62
C LEU B 133 -15.57 3.52 -7.91
N LYS B 134 -16.19 2.88 -8.88
CA LYS B 134 -15.78 1.53 -9.22
C LYS B 134 -14.53 1.69 -10.07
N ILE B 135 -13.39 1.20 -9.58
CA ILE B 135 -12.15 1.34 -10.33
C ILE B 135 -11.70 0.10 -11.08
N PHE B 136 -12.42 -1.01 -10.95
CA PHE B 136 -12.03 -2.19 -11.71
C PHE B 136 -13.16 -3.19 -11.88
N ASN B 137 -13.39 -3.61 -13.12
CA ASN B 137 -14.43 -4.59 -13.44
C ASN B 137 -13.83 -5.82 -14.10
N ASN B 138 -13.64 -6.88 -13.31
CA ASN B 138 -13.06 -8.13 -13.83
C ASN B 138 -13.67 -8.56 -15.15
N GLN B 139 -15.00 -8.65 -15.19
CA GLN B 139 -15.70 -9.06 -16.39
C GLN B 139 -15.05 -8.43 -17.63
N GLU B 140 -15.03 -7.10 -17.66
CA GLU B 140 -14.44 -6.45 -18.80
C GLU B 140 -13.01 -6.87 -19.04
N PHE B 141 -12.17 -6.83 -18.03
CA PHE B 141 -10.77 -7.21 -18.22
C PHE B 141 -10.64 -8.61 -18.83
N ALA B 142 -11.33 -9.58 -18.25
CA ALA B 142 -11.28 -10.93 -18.78
C ALA B 142 -11.65 -10.90 -20.26
N GLN B 143 -12.67 -10.12 -20.60
CA GLN B 143 -13.12 -9.99 -21.98
C GLN B 143 -11.97 -9.48 -22.85
N LEU B 144 -11.36 -8.37 -22.43
CA LEU B 144 -10.24 -7.76 -23.13
C LEU B 144 -9.14 -8.80 -23.34
N LEU B 145 -8.83 -9.52 -22.27
CA LEU B 145 -7.79 -10.54 -22.31
C LEU B 145 -8.12 -11.56 -23.41
N ALA B 146 -9.41 -11.85 -23.56
CA ALA B 146 -9.87 -12.80 -24.57
C ALA B 146 -9.67 -12.31 -25.99
N GLN B 147 -10.07 -11.05 -26.23
CA GLN B 147 -9.94 -10.45 -27.55
C GLN B 147 -8.47 -10.23 -27.90
N SER B 148 -7.62 -10.28 -26.88
CA SER B 148 -6.19 -10.07 -27.05
C SER B 148 -5.45 -11.27 -27.60
N VAL B 149 -5.95 -12.46 -27.28
CA VAL B 149 -5.35 -13.74 -27.71
C VAL B 149 -4.47 -13.69 -28.96
N ASN B 150 -4.96 -14.20 -30.08
CA ASN B 150 -4.17 -14.22 -31.31
C ASN B 150 -3.91 -12.84 -31.90
N HIS B 151 -4.10 -11.81 -31.10
CA HIS B 151 -3.87 -10.44 -31.55
C HIS B 151 -2.40 -10.07 -31.37
N GLY B 152 -1.60 -11.04 -30.93
CA GLY B 152 -0.19 -10.78 -30.75
C GLY B 152 0.26 -10.77 -29.29
N PHE B 153 1.57 -10.80 -29.10
CA PHE B 153 2.18 -10.79 -27.77
C PHE B 153 2.35 -9.37 -27.26
N GLU B 154 2.67 -8.45 -28.16
CA GLU B 154 2.87 -7.05 -27.80
C GLU B 154 1.63 -6.45 -27.14
N THR B 155 0.45 -6.68 -27.72
CA THR B 155 -0.78 -6.12 -27.16
C THR B 155 -1.29 -6.86 -25.92
N VAL B 156 -0.93 -8.13 -25.77
CA VAL B 156 -1.37 -8.87 -24.60
C VAL B 156 -0.49 -8.45 -23.42
N TYR B 157 0.76 -8.15 -23.72
CA TYR B 157 1.72 -7.73 -22.70
C TYR B 157 1.28 -6.38 -22.14
N GLU B 158 0.66 -5.56 -22.98
CA GLU B 158 0.19 -4.24 -22.58
C GLU B 158 -0.91 -4.29 -21.54
N LEU B 159 -1.54 -5.46 -21.43
CA LEU B 159 -2.62 -5.66 -20.47
C LEU B 159 -2.11 -5.64 -19.05
N THR B 160 -0.79 -5.66 -18.90
CA THR B 160 -0.19 -5.63 -17.58
C THR B 160 -0.54 -4.29 -16.93
N LYS B 161 -0.56 -3.24 -17.75
CA LYS B 161 -0.86 -1.89 -17.27
C LYS B 161 -2.30 -1.80 -16.77
N MET B 162 -3.14 -2.72 -17.20
CA MET B 162 -4.53 -2.73 -16.77
C MET B 162 -4.62 -3.29 -15.35
N CYS B 163 -3.60 -4.04 -14.94
CA CYS B 163 -3.58 -4.65 -13.63
C CYS B 163 -3.09 -3.82 -12.45
N THR B 164 -2.54 -2.64 -12.72
CA THR B 164 -2.10 -1.81 -11.60
C THR B 164 -2.89 -0.52 -11.65
N ILE B 165 -3.16 0.06 -10.47
CA ILE B 165 -3.89 1.32 -10.38
C ILE B 165 -3.18 2.30 -9.45
N ARG B 166 -3.12 3.57 -9.82
CA ARG B 166 -2.45 4.55 -8.99
C ARG B 166 -3.39 5.65 -8.49
N MET B 167 -3.24 6.02 -7.22
CA MET B 167 -4.05 7.08 -6.65
C MET B 167 -3.28 7.92 -5.64
N SER B 168 -3.55 9.22 -5.67
CA SER B 168 -2.89 10.19 -4.80
C SER B 168 -3.86 10.76 -3.77
N PHE B 169 -3.30 11.21 -2.64
CA PHE B 169 -4.07 11.80 -1.54
C PHE B 169 -3.96 13.32 -1.56
N VAL B 170 -5.10 13.99 -1.58
CA VAL B 170 -5.17 15.44 -1.55
C VAL B 170 -4.84 16.15 -2.84
N LYS B 171 -3.68 15.85 -3.42
CA LYS B 171 -3.30 16.53 -4.65
C LYS B 171 -3.57 15.65 -5.85
N GLY B 172 -3.94 16.26 -6.96
CA GLY B 172 -4.19 15.49 -8.16
C GLY B 172 -2.95 15.58 -9.03
N TRP B 173 -3.05 15.05 -10.24
CA TRP B 173 -1.91 15.11 -11.15
C TRP B 173 -2.39 14.87 -12.57
N GLY B 174 -1.52 15.12 -13.54
CA GLY B 174 -1.90 14.91 -14.93
C GLY B 174 -2.74 16.04 -15.47
N ALA B 175 -3.75 15.69 -16.26
CA ALA B 175 -4.64 16.67 -16.87
C ALA B 175 -5.57 17.35 -15.88
N GLU B 176 -6.05 18.53 -16.26
CA GLU B 176 -6.94 19.31 -15.41
C GLU B 176 -6.19 19.72 -14.16
N TYR B 177 -4.88 19.90 -14.32
CA TYR B 177 -3.99 20.32 -13.24
C TYR B 177 -2.71 20.93 -13.82
N HIS B 178 -1.88 20.12 -14.47
CA HIS B 178 -0.65 20.63 -15.07
C HIS B 178 -0.12 19.69 -16.16
N ARG B 179 -0.76 18.53 -16.30
CA ARG B 179 -0.35 17.53 -17.27
C ARG B 179 0.93 16.88 -16.71
N GLN B 180 1.03 16.91 -15.39
CA GLN B 180 2.18 16.37 -14.68
C GLN B 180 1.99 14.95 -14.16
N ASP B 181 3.10 14.21 -14.05
CA ASP B 181 3.07 12.84 -13.58
C ASP B 181 2.82 12.68 -12.08
N VAL B 182 2.17 11.57 -11.72
CA VAL B 182 1.85 11.26 -10.34
C VAL B 182 3.06 11.44 -9.42
N THR B 183 4.25 11.24 -9.98
CA THR B 183 5.50 11.38 -9.25
C THR B 183 5.69 12.82 -8.78
N SER B 184 4.78 13.68 -9.21
CA SER B 184 4.84 15.07 -8.81
C SER B 184 3.97 15.29 -7.58
N THR B 185 3.25 14.26 -7.14
CA THR B 185 2.40 14.40 -5.96
C THR B 185 3.12 13.94 -4.71
N PRO B 186 2.92 14.63 -3.59
CA PRO B 186 3.58 14.27 -2.32
C PRO B 186 3.23 12.90 -1.72
N CYS B 187 1.97 12.49 -1.85
CA CYS B 187 1.56 11.21 -1.29
C CYS B 187 0.71 10.41 -2.25
N TRP B 188 1.25 9.32 -2.78
CA TRP B 188 0.47 8.50 -3.70
C TRP B 188 0.80 7.02 -3.53
N ILE B 189 -0.08 6.16 -4.02
CA ILE B 189 0.13 4.74 -3.90
C ILE B 189 -0.14 4.05 -5.23
N GLU B 190 0.38 2.84 -5.33
CA GLU B 190 0.20 2.02 -6.51
C GLU B 190 -0.43 0.71 -6.05
N ILE B 191 -1.50 0.32 -6.73
CA ILE B 191 -2.23 -0.92 -6.39
C ILE B 191 -2.07 -1.97 -7.49
N HIS B 192 -1.70 -3.19 -7.09
CA HIS B 192 -1.51 -4.32 -8.01
C HIS B 192 -2.58 -5.38 -7.77
N LEU B 193 -3.52 -5.49 -8.69
CA LEU B 193 -4.60 -6.48 -8.56
C LEU B 193 -4.12 -7.88 -8.93
N HIS B 194 -3.93 -8.73 -7.93
CA HIS B 194 -3.45 -10.08 -8.15
C HIS B 194 -4.31 -11.01 -9.00
N GLY B 195 -5.63 -10.89 -8.89
CA GLY B 195 -6.52 -11.74 -9.67
C GLY B 195 -6.18 -11.56 -11.14
N PRO B 196 -6.31 -10.33 -11.65
CA PRO B 196 -6.04 -10.00 -13.05
C PRO B 196 -4.63 -10.39 -13.50
N LEU B 197 -3.63 -10.09 -12.67
CA LEU B 197 -2.26 -10.43 -13.01
C LEU B 197 -2.10 -11.93 -13.18
N GLN B 198 -2.71 -12.69 -12.28
CA GLN B 198 -2.60 -14.14 -12.35
C GLN B 198 -3.21 -14.70 -13.63
N TRP B 199 -4.42 -14.26 -13.98
CA TRP B 199 -5.05 -14.74 -15.19
C TRP B 199 -4.22 -14.35 -16.41
N LEU B 200 -3.67 -13.14 -16.36
CA LEU B 200 -2.84 -12.63 -17.43
C LEU B 200 -1.63 -13.53 -17.61
N ASP B 201 -1.06 -13.98 -16.51
CA ASP B 201 0.10 -14.87 -16.58
C ASP B 201 -0.33 -16.09 -17.40
N LYS B 202 -1.39 -16.76 -16.97
CA LYS B 202 -1.88 -17.94 -17.66
C LYS B 202 -1.88 -17.78 -19.18
N VAL B 203 -2.06 -16.54 -19.64
CA VAL B 203 -2.09 -16.24 -21.06
C VAL B 203 -0.71 -15.87 -21.61
N LEU B 204 0.02 -15.00 -20.92
CA LEU B 204 1.34 -14.57 -21.37
C LEU B 204 2.29 -15.73 -21.61
N THR B 205 2.09 -16.82 -20.87
CA THR B 205 2.94 -17.98 -21.03
C THR B 205 2.62 -18.63 -22.37
N GLN B 206 1.77 -17.96 -23.15
CA GLN B 206 1.38 -18.41 -24.48
C GLN B 206 2.68 -18.56 -25.26
N MET B 207 3.59 -17.63 -24.96
CA MET B 207 4.92 -17.52 -25.56
C MET B 207 4.91 -16.68 -26.83
N GLY B 208 5.95 -15.88 -27.03
CA GLY B 208 6.03 -15.05 -28.22
C GLY B 208 7.16 -14.03 -28.21
N SER B 209 6.88 -12.89 -28.81
CA SER B 209 7.78 -11.74 -28.91
C SER B 209 8.81 -11.71 -30.05
N PRO B 210 8.76 -12.66 -31.01
CA PRO B 210 9.76 -12.59 -32.09
C PRO B 210 9.69 -11.22 -32.78
N HIS B 211 10.58 -10.33 -32.39
CA HIS B 211 10.62 -8.98 -32.94
C HIS B 211 12.03 -8.41 -32.91
N ASN B 212 12.75 -8.54 -34.02
CA ASN B 212 14.12 -8.04 -34.12
C ASN B 212 14.79 -8.38 -32.79
N PRO B 213 15.05 -9.67 -32.55
CA PRO B 213 15.69 -10.13 -31.32
C PRO B 213 16.74 -9.17 -30.78
N ILE B 214 16.28 -8.26 -29.92
CA ILE B 214 17.11 -7.27 -29.26
C ILE B 214 18.58 -7.57 -29.31
N SER B 215 19.38 -6.51 -29.45
CA SER B 215 20.81 -6.66 -29.45
C SER B 215 21.20 -6.97 -28.00
N SER B 216 22.46 -7.29 -27.78
CA SER B 216 22.98 -7.57 -26.42
C SER B 216 24.11 -6.60 -26.19
N VAL B 217 24.16 -5.54 -26.99
CA VAL B 217 25.22 -4.54 -26.90
C VAL B 217 24.66 -3.13 -26.97
N SER B 218 23.70 -2.94 -27.87
CA SER B 218 23.03 -1.66 -28.07
C SER B 218 22.20 -1.27 -26.83
N LYS C 22 8.25 -11.09 21.02
CA LYS C 22 7.12 -10.65 20.14
C LYS C 22 7.57 -9.53 19.21
N HIS C 23 6.69 -9.18 18.28
CA HIS C 23 6.96 -8.13 17.30
C HIS C 23 7.05 -6.81 18.05
N TRP C 24 8.05 -6.70 18.93
CA TRP C 24 8.18 -5.49 19.70
C TRP C 24 8.76 -4.29 18.94
N CYS C 25 9.41 -4.55 17.81
CA CYS C 25 9.95 -3.46 17.00
C CYS C 25 10.28 -3.97 15.61
N SER C 26 10.67 -3.06 14.74
CA SER C 26 11.06 -3.43 13.38
C SER C 26 12.22 -2.49 13.13
N ILE C 27 13.20 -2.94 12.34
CA ILE C 27 14.38 -2.11 12.12
C ILE C 27 14.78 -1.99 10.66
N VAL C 28 15.25 -0.79 10.31
CA VAL C 28 15.68 -0.46 8.95
C VAL C 28 17.13 0.05 8.93
N TYR C 29 17.89 -0.39 7.92
CA TYR C 29 19.28 0.00 7.75
C TYR C 29 19.49 0.99 6.59
N TYR C 30 20.36 1.98 6.84
CA TYR C 30 20.70 3.05 5.88
C TYR C 30 22.21 3.31 5.83
N GLU C 31 22.72 3.65 4.65
CA GLU C 31 24.13 4.01 4.49
C GLU C 31 23.97 5.42 3.92
N LEU C 32 24.28 6.41 4.74
CA LEU C 32 24.13 7.83 4.40
C LEU C 32 22.64 8.16 4.21
N ASN C 33 22.22 8.51 3.00
CA ASN C 33 20.84 8.86 2.74
C ASN C 33 20.05 7.75 2.03
N ASN C 34 20.66 6.59 1.89
CA ASN C 34 19.98 5.51 1.20
C ASN C 34 19.62 4.34 2.08
N ARG C 35 18.42 3.82 1.86
CA ARG C 35 17.93 2.66 2.61
C ARG C 35 18.59 1.42 1.97
N VAL C 36 19.19 0.55 2.79
CA VAL C 36 19.84 -0.66 2.29
C VAL C 36 19.31 -1.91 2.98
N GLY C 37 18.90 -2.91 2.19
CA GLY C 37 18.38 -4.16 2.76
C GLY C 37 16.89 -4.20 3.10
N GLU C 38 16.38 -5.38 3.43
CA GLU C 38 14.96 -5.50 3.79
C GLU C 38 14.77 -5.18 5.27
N ALA C 39 13.52 -4.88 5.65
CA ALA C 39 13.20 -4.55 7.04
C ALA C 39 13.29 -5.79 7.91
N PHE C 40 13.82 -5.61 9.11
CA PHE C 40 13.94 -6.72 10.03
C PHE C 40 12.83 -6.59 11.06
N HIS C 41 12.24 -7.73 11.44
CA HIS C 41 11.19 -7.75 12.44
C HIS C 41 11.55 -8.65 13.61
N ALA C 42 11.64 -8.04 14.79
CA ALA C 42 11.99 -8.75 16.01
C ALA C 42 11.03 -9.87 16.38
N SER C 43 11.53 -11.10 16.51
CA SER C 43 10.69 -12.23 16.91
C SER C 43 11.02 -12.68 18.33
N SER C 44 11.84 -11.88 19.03
CA SER C 44 12.20 -12.17 20.42
C SER C 44 12.57 -10.88 21.15
N THR C 45 12.76 -10.96 22.47
CA THR C 45 13.13 -9.79 23.26
C THR C 45 14.64 -9.50 23.17
N SER C 46 15.40 -10.43 22.62
CA SER C 46 16.83 -10.22 22.46
C SER C 46 17.22 -10.23 20.98
N VAL C 47 17.62 -9.06 20.45
CA VAL C 47 18.01 -8.99 19.05
C VAL C 47 19.42 -8.43 18.89
N LEU C 48 20.17 -9.07 18.00
CA LEU C 48 21.53 -8.64 17.73
C LEU C 48 21.60 -8.03 16.34
N VAL C 49 22.06 -6.79 16.26
CA VAL C 49 22.24 -6.08 15.01
C VAL C 49 23.75 -5.95 14.84
N ASP C 50 24.35 -6.87 14.08
CA ASP C 50 25.80 -6.86 13.86
C ASP C 50 26.19 -6.62 12.43
N GLY C 51 27.49 -6.71 12.16
CA GLY C 51 28.00 -6.50 10.82
C GLY C 51 28.51 -7.79 10.20
N PHE C 52 27.93 -8.91 10.59
CA PHE C 52 28.36 -10.19 10.06
C PHE C 52 27.47 -10.66 8.93
N THR C 53 27.43 -11.96 8.66
CA THR C 53 26.67 -12.42 7.52
C THR C 53 25.65 -13.53 7.54
N ASP C 54 24.90 -13.69 8.62
CA ASP C 54 23.88 -14.72 8.62
C ASP C 54 22.65 -14.18 7.85
N PRO C 55 22.22 -14.90 6.81
CA PRO C 55 21.07 -14.53 5.96
C PRO C 55 19.70 -14.74 6.57
N SER C 56 19.65 -15.49 7.66
CA SER C 56 18.36 -15.72 8.30
C SER C 56 17.93 -14.41 8.92
N ASN C 57 16.79 -13.90 8.47
CA ASN C 57 16.24 -12.64 8.97
C ASN C 57 14.97 -12.96 9.74
N ASN C 58 14.84 -14.23 10.10
CA ASN C 58 13.66 -14.72 10.80
C ASN C 58 13.83 -14.97 12.30
N LYS C 59 14.92 -14.50 12.90
CA LYS C 59 15.06 -14.73 14.34
C LYS C 59 15.80 -13.72 15.22
N ASN C 60 16.95 -14.12 15.74
CA ASN C 60 17.71 -13.29 16.66
C ASN C 60 18.58 -12.17 16.08
N ARG C 61 19.23 -12.43 14.95
CA ARG C 61 20.13 -11.46 14.38
C ARG C 61 19.68 -10.76 13.12
N PHE C 62 20.21 -9.55 12.97
CA PHE C 62 19.96 -8.67 11.84
C PHE C 62 21.35 -8.31 11.35
N CYS C 63 21.88 -9.18 10.50
CA CYS C 63 23.21 -9.02 9.95
C CYS C 63 23.30 -8.04 8.80
N LEU C 64 24.17 -7.05 8.98
CA LEU C 64 24.38 -5.99 8.00
C LEU C 64 25.53 -6.27 7.02
N GLY C 65 26.44 -7.15 7.41
CA GLY C 65 27.57 -7.45 6.55
C GLY C 65 27.24 -7.90 5.15
N LEU C 66 26.28 -8.80 5.03
CA LEU C 66 25.88 -9.36 3.74
C LEU C 66 25.07 -8.41 2.84
N LEU C 67 24.72 -7.24 3.35
CA LEU C 67 23.93 -6.29 2.58
C LEU C 67 24.66 -5.48 1.52
N SER C 68 24.15 -5.54 0.29
CA SER C 68 24.72 -4.81 -0.82
C SER C 68 24.10 -3.43 -0.96
N ASN C 69 24.91 -2.51 -1.50
CA ASN C 69 24.49 -1.14 -1.78
C ASN C 69 25.29 -0.69 -3.01
N VAL C 70 24.62 -0.44 -4.13
CA VAL C 70 25.33 -0.01 -5.33
C VAL C 70 25.88 1.40 -5.22
N ASN C 71 25.46 2.14 -4.19
CA ASN C 71 25.95 3.52 -4.03
C ASN C 71 26.99 3.58 -2.91
N ARG C 72 27.46 2.42 -2.48
CA ARG C 72 28.43 2.34 -1.39
C ARG C 72 29.80 2.83 -1.83
N ASN C 73 30.48 3.54 -0.95
CA ASN C 73 31.81 4.08 -1.23
C ASN C 73 32.80 3.59 -0.18
N SER C 74 34.09 3.84 -0.41
CA SER C 74 35.15 3.40 0.49
C SER C 74 34.87 3.69 1.95
N THR C 75 34.71 4.97 2.28
CA THR C 75 34.44 5.38 3.66
C THR C 75 33.31 4.62 4.34
N ILE C 76 32.24 4.34 3.61
CA ILE C 76 31.15 3.57 4.19
C ILE C 76 31.67 2.14 4.44
N GLU C 77 32.34 1.57 3.46
CA GLU C 77 32.89 0.23 3.61
C GLU C 77 33.86 0.22 4.81
N ASN C 78 34.56 1.32 5.02
CA ASN C 78 35.49 1.38 6.13
C ASN C 78 34.70 1.27 7.43
N THR C 79 33.59 2.01 7.52
CA THR C 79 32.81 1.97 8.73
C THR C 79 32.10 0.63 8.97
N ARG C 80 31.67 -0.03 7.90
CA ARG C 80 30.98 -1.31 8.02
C ARG C 80 31.91 -2.34 8.62
N ARG C 81 33.19 -2.22 8.31
CA ARG C 81 34.15 -3.19 8.86
C ARG C 81 34.32 -3.07 10.38
N HIS C 82 33.89 -1.96 10.96
CA HIS C 82 34.03 -1.74 12.40
C HIS C 82 32.74 -1.93 13.21
N ILE C 83 31.67 -2.34 12.57
CA ILE C 83 30.43 -2.55 13.27
C ILE C 83 30.61 -3.76 14.20
N GLY C 84 31.16 -4.83 13.66
CA GLY C 84 31.40 -6.03 14.45
C GLY C 84 30.20 -6.70 15.08
N LYS C 85 30.24 -6.90 16.39
CA LYS C 85 29.13 -7.54 17.11
C LYS C 85 27.97 -6.57 17.24
N GLY C 86 28.21 -5.34 16.76
CA GLY C 86 27.21 -4.30 16.77
C GLY C 86 26.57 -3.99 18.10
N VAL C 87 25.31 -3.57 18.04
CA VAL C 87 24.52 -3.23 19.22
C VAL C 87 23.55 -4.36 19.57
N HIS C 88 23.19 -4.44 20.85
CA HIS C 88 22.28 -5.45 21.35
C HIS C 88 21.07 -4.70 21.85
N LEU C 89 19.92 -4.89 21.20
CA LEU C 89 18.70 -4.23 21.66
C LEU C 89 17.97 -5.25 22.56
N TYR C 90 17.71 -4.83 23.79
CA TYR C 90 17.07 -5.69 24.79
C TYR C 90 15.77 -5.10 25.32
N TYR C 91 14.70 -5.87 25.14
CA TYR C 91 13.37 -5.48 25.57
C TYR C 91 13.02 -6.32 26.78
N VAL C 92 12.74 -5.66 27.90
CA VAL C 92 12.39 -6.38 29.12
C VAL C 92 11.80 -5.43 30.14
N GLY C 93 10.77 -5.91 30.83
CA GLY C 93 10.12 -5.10 31.84
C GLY C 93 9.60 -3.77 31.34
N GLY C 94 9.13 -3.73 30.10
CA GLY C 94 8.58 -2.49 29.55
C GLY C 94 9.61 -1.44 29.26
N GLU C 95 10.88 -1.84 29.21
CA GLU C 95 11.97 -0.90 28.93
C GLU C 95 12.92 -1.54 27.94
N VAL C 96 13.42 -0.76 26.98
CA VAL C 96 14.35 -1.33 26.01
C VAL C 96 15.74 -0.76 26.31
N TYR C 97 16.73 -1.64 26.22
CA TYR C 97 18.11 -1.30 26.51
C TYR C 97 19.00 -1.50 25.28
N ALA C 98 20.04 -0.66 25.19
CA ALA C 98 20.98 -0.74 24.08
C ALA C 98 22.37 -1.05 24.66
N GLU C 99 23.02 -2.05 24.09
CA GLU C 99 24.33 -2.43 24.55
C GLU C 99 25.31 -2.46 23.38
N CYS C 100 26.40 -1.73 23.54
CA CYS C 100 27.41 -1.66 22.50
C CYS C 100 28.40 -2.81 22.60
N LEU C 101 28.15 -3.85 21.84
CA LEU C 101 29.04 -5.00 21.83
C LEU C 101 30.18 -4.77 20.85
N SER C 102 30.01 -3.80 19.96
CA SER C 102 31.04 -3.48 18.97
C SER C 102 32.28 -2.93 19.67
N ASP C 103 33.42 -2.95 18.97
CA ASP C 103 34.63 -2.40 19.56
C ASP C 103 34.60 -0.89 19.37
N SER C 104 33.69 -0.40 18.52
CA SER C 104 33.59 1.03 18.29
C SER C 104 32.34 1.51 18.96
N SER C 105 32.28 2.81 19.26
CA SER C 105 31.10 3.36 19.92
C SER C 105 29.88 3.31 19.03
N ILE C 106 28.77 3.75 19.59
CA ILE C 106 27.51 3.78 18.89
C ILE C 106 26.85 5.06 19.38
N PHE C 107 25.98 5.64 18.56
CA PHE C 107 25.34 6.87 18.97
C PHE C 107 23.84 6.74 18.86
N VAL C 108 23.14 7.12 19.93
CA VAL C 108 21.69 6.99 19.93
C VAL C 108 20.89 8.25 20.18
N GLN C 109 19.87 8.45 19.36
CA GLN C 109 18.96 9.57 19.48
C GLN C 109 17.59 8.96 19.80
N SER C 110 17.08 9.24 20.99
CA SER C 110 15.80 8.70 21.41
C SER C 110 15.09 9.73 22.26
N ARG C 111 14.05 10.33 21.71
CA ARG C 111 13.29 11.36 22.41
C ARG C 111 12.85 10.95 23.82
N ASN C 112 12.22 9.80 23.92
CA ASN C 112 11.77 9.31 25.22
C ASN C 112 12.93 9.41 26.22
N CYS C 113 14.07 8.86 25.83
CA CYS C 113 15.26 8.88 26.67
C CYS C 113 15.70 10.31 27.00
N ASN C 114 15.65 11.18 26.00
CA ASN C 114 16.05 12.57 26.17
C ASN C 114 15.14 13.28 27.15
N TYR C 115 13.86 12.91 27.11
CA TYR C 115 12.86 13.49 27.98
C TYR C 115 13.16 13.10 29.41
N HIS C 116 13.33 11.80 29.63
CA HIS C 116 13.62 11.26 30.94
C HIS C 116 14.86 11.87 31.61
N HIS C 117 15.90 12.14 30.83
CA HIS C 117 17.14 12.70 31.37
C HIS C 117 17.09 14.23 31.37
N GLY C 118 16.15 14.80 30.63
CA GLY C 118 16.02 16.24 30.57
C GLY C 118 16.83 16.91 29.47
N PHE C 119 17.50 16.12 28.63
CA PHE C 119 18.29 16.68 27.55
C PHE C 119 17.36 17.31 26.51
N HIS C 120 17.95 17.89 25.47
CA HIS C 120 17.19 18.50 24.39
C HIS C 120 16.73 17.37 23.45
N PRO C 121 15.49 17.44 22.93
CA PRO C 121 14.91 16.44 22.02
C PRO C 121 15.86 15.80 21.00
N THR C 122 16.68 16.62 20.36
CA THR C 122 17.61 16.13 19.34
C THR C 122 18.92 15.57 19.89
N THR C 123 19.05 15.55 21.20
CA THR C 123 20.27 15.06 21.82
C THR C 123 20.66 13.66 21.36
N VAL C 124 21.93 13.50 21.03
CA VAL C 124 22.49 12.23 20.58
C VAL C 124 23.39 11.67 21.68
N CYS C 125 23.04 10.50 22.20
CA CYS C 125 23.80 9.87 23.26
C CYS C 125 24.78 8.83 22.75
N LYS C 126 26.04 9.01 23.10
CA LYS C 126 27.09 8.09 22.73
C LYS C 126 27.09 6.90 23.70
N ILE C 127 27.16 5.68 23.17
CA ILE C 127 27.19 4.49 24.01
C ILE C 127 28.52 3.82 23.73
N PRO C 128 29.54 4.07 24.58
CA PRO C 128 30.88 3.49 24.43
C PRO C 128 30.88 1.97 24.29
N SER C 129 31.96 1.43 23.73
CA SER C 129 32.10 0.00 23.54
C SER C 129 31.99 -0.76 24.85
N GLY C 130 30.99 -1.62 24.96
CA GLY C 130 30.82 -2.43 26.16
C GLY C 130 29.95 -1.80 27.24
N CYS C 131 29.36 -0.66 26.93
CA CYS C 131 28.50 0.03 27.89
C CYS C 131 27.06 -0.29 27.61
N SER C 132 26.18 0.28 28.43
CA SER C 132 24.74 0.04 28.30
C SER C 132 23.93 1.29 28.59
N LEU C 133 22.81 1.46 27.90
CA LEU C 133 21.93 2.61 28.12
C LEU C 133 20.48 2.23 27.87
N LYS C 134 19.63 2.51 28.84
CA LYS C 134 18.20 2.25 28.71
C LYS C 134 17.74 3.33 27.73
N ILE C 135 17.21 2.92 26.59
CA ILE C 135 16.78 3.92 25.60
C ILE C 135 15.27 4.10 25.46
N PHE C 136 14.50 3.30 26.18
CA PHE C 136 13.05 3.44 26.13
C PHE C 136 12.32 2.86 27.32
N ASN C 137 11.30 3.59 27.77
CA ASN C 137 10.43 3.20 28.88
C ASN C 137 9.02 3.56 28.42
N ASN C 138 8.25 2.58 27.98
CA ASN C 138 6.91 2.88 27.50
C ASN C 138 5.95 3.34 28.59
N GLN C 139 6.23 2.93 29.83
CA GLN C 139 5.42 3.30 30.98
C GLN C 139 5.35 4.83 31.04
N GLU C 140 6.50 5.47 30.86
CA GLU C 140 6.56 6.93 30.86
C GLU C 140 5.95 7.49 29.59
N PHE C 141 6.03 6.70 28.51
CA PHE C 141 5.45 7.11 27.23
C PHE C 141 3.93 7.04 27.33
N ALA C 142 3.42 6.00 27.97
CA ALA C 142 1.98 5.86 28.16
C ALA C 142 1.54 7.11 28.93
N GLN C 143 2.35 7.51 29.90
CA GLN C 143 2.06 8.68 30.71
C GLN C 143 1.99 9.93 29.84
N LEU C 144 2.97 10.07 28.94
CA LEU C 144 3.03 11.23 28.04
C LEU C 144 1.81 11.25 27.13
N LEU C 145 1.43 10.08 26.66
CA LEU C 145 0.28 9.93 25.78
C LEU C 145 -1.00 10.38 26.49
N ALA C 146 -1.13 9.97 27.75
CA ALA C 146 -2.29 10.33 28.54
C ALA C 146 -2.36 11.85 28.74
N GLN C 147 -1.25 12.45 29.15
CA GLN C 147 -1.20 13.89 29.37
C GLN C 147 -1.62 14.70 28.15
N SER C 148 -1.51 14.10 26.97
CA SER C 148 -1.87 14.80 25.74
C SER C 148 -3.22 14.37 25.20
N VAL C 149 -3.80 13.36 25.84
CA VAL C 149 -5.10 12.84 25.44
C VAL C 149 -6.01 13.99 25.04
N ASN C 150 -5.80 15.14 25.65
CA ASN C 150 -6.60 16.33 25.39
C ASN C 150 -5.78 17.62 25.48
N HIS C 151 -5.04 17.90 24.41
CA HIS C 151 -4.22 19.11 24.34
C HIS C 151 -3.94 19.36 22.87
N GLY C 152 -4.75 18.74 22.01
CA GLY C 152 -4.61 18.90 20.58
C GLY C 152 -4.21 17.65 19.84
N PHE C 153 -4.75 17.50 18.63
CA PHE C 153 -4.45 16.37 17.77
C PHE C 153 -3.02 16.59 17.28
N GLU C 154 -2.63 17.85 17.19
CA GLU C 154 -1.30 18.22 16.74
C GLU C 154 -0.25 17.71 17.71
N THR C 155 -0.44 17.95 19.00
CA THR C 155 0.53 17.50 19.99
C THR C 155 0.53 16.00 20.21
N VAL C 156 -0.61 15.35 19.98
CA VAL C 156 -0.66 13.91 20.15
C VAL C 156 -0.01 13.26 18.93
N TYR C 157 -0.25 13.84 17.77
CA TYR C 157 0.33 13.33 16.53
C TYR C 157 1.85 13.40 16.64
N GLU C 158 2.34 14.41 17.35
CA GLU C 158 3.77 14.62 17.56
C GLU C 158 4.47 13.46 18.26
N LEU C 159 3.76 12.78 19.15
CA LEU C 159 4.31 11.68 19.90
C LEU C 159 4.74 10.52 19.01
N THR C 160 4.37 10.58 17.74
CA THR C 160 4.74 9.51 16.83
C THR C 160 6.24 9.41 16.84
N LYS C 161 6.87 10.58 16.85
CA LYS C 161 8.33 10.69 16.87
C LYS C 161 8.96 9.88 17.99
N MET C 162 8.38 9.97 19.18
CA MET C 162 8.87 9.23 20.37
C MET C 162 8.99 7.75 20.04
N CYS C 163 8.10 7.28 19.16
CA CYS C 163 8.05 5.88 18.80
C CYS C 163 9.18 5.40 17.91
N THR C 164 9.93 6.31 17.32
CA THR C 164 11.05 5.88 16.49
C THR C 164 12.37 6.24 17.15
N ILE C 165 13.37 5.41 16.93
CA ILE C 165 14.69 5.64 17.48
C ILE C 165 15.70 5.42 16.35
N ARG C 166 16.73 6.27 16.33
CA ARG C 166 17.80 6.18 15.34
C ARG C 166 19.15 6.08 16.06
N MET C 167 20.08 5.35 15.46
CA MET C 167 21.42 5.21 16.02
C MET C 167 22.39 4.79 14.91
N SER C 168 23.55 5.43 14.90
CA SER C 168 24.57 5.12 13.91
C SER C 168 25.68 4.35 14.57
N PHE C 169 26.53 3.77 13.74
CA PHE C 169 27.67 2.99 14.23
C PHE C 169 28.93 3.82 13.94
N VAL C 170 29.89 3.78 14.86
CA VAL C 170 31.16 4.48 14.72
C VAL C 170 31.14 6.00 14.61
N LYS C 171 30.31 6.56 13.73
CA LYS C 171 30.32 8.01 13.57
C LYS C 171 29.30 8.82 14.36
N GLY C 172 29.79 9.60 15.32
CA GLY C 172 28.91 10.43 16.10
C GLY C 172 28.25 11.41 15.17
N TRP C 173 27.19 12.06 15.63
CA TRP C 173 26.51 13.05 14.82
C TRP C 173 25.74 14.05 15.69
N GLY C 174 25.27 15.12 15.06
CA GLY C 174 24.55 16.13 15.80
C GLY C 174 25.55 17.02 16.51
N ALA C 175 25.10 17.75 17.52
CA ALA C 175 26.01 18.60 18.26
C ALA C 175 27.06 17.65 18.83
N GLU C 176 28.19 18.21 19.29
CA GLU C 176 29.29 17.40 19.83
C GLU C 176 30.05 16.72 18.70
N TYR C 177 29.62 16.97 17.46
CA TYR C 177 30.26 16.41 16.29
C TYR C 177 30.20 17.38 15.11
N HIS C 178 30.87 17.04 14.02
CA HIS C 178 30.85 17.88 12.84
C HIS C 178 29.52 17.58 12.14
N ARG C 179 29.36 16.33 11.75
CA ARG C 179 28.13 15.88 11.08
C ARG C 179 26.94 16.30 11.93
N GLN C 180 25.91 16.86 11.30
CA GLN C 180 24.73 17.26 12.04
C GLN C 180 23.56 16.30 11.79
N ASP C 181 23.36 15.92 10.53
CA ASP C 181 22.29 15.01 10.14
C ASP C 181 22.76 13.54 10.23
N VAL C 182 21.86 12.63 10.59
CA VAL C 182 22.18 11.21 10.69
C VAL C 182 22.37 10.63 9.28
N THR C 183 21.83 11.34 8.29
CA THR C 183 21.95 10.90 6.90
C THR C 183 23.29 11.34 6.39
N SER C 184 24.12 11.77 7.34
CA SER C 184 25.47 12.22 7.03
C SER C 184 26.46 11.18 7.56
N THR C 185 25.94 10.20 8.29
CA THR C 185 26.75 9.11 8.83
C THR C 185 26.60 7.95 7.85
N PRO C 186 27.65 7.12 7.71
CA PRO C 186 27.66 5.98 6.80
C PRO C 186 26.91 4.72 7.20
N CYS C 187 26.62 4.57 8.49
CA CYS C 187 25.94 3.37 8.93
C CYS C 187 25.03 3.65 10.11
N TRP C 188 23.75 3.85 9.81
CA TRP C 188 22.74 4.13 10.82
C TRP C 188 21.43 3.38 10.56
N ILE C 189 20.71 3.10 11.65
CA ILE C 189 19.43 2.40 11.56
C ILE C 189 18.37 3.22 12.27
N GLU C 190 17.13 2.82 12.05
CA GLU C 190 15.97 3.47 12.64
C GLU C 190 15.12 2.36 13.21
N ILE C 191 14.72 2.50 14.47
CA ILE C 191 13.90 1.51 15.14
C ILE C 191 12.50 2.05 15.44
N HIS C 192 11.49 1.30 15.02
CA HIS C 192 10.09 1.68 15.25
C HIS C 192 9.52 0.81 16.36
N LEU C 193 9.06 1.43 17.45
CA LEU C 193 8.49 0.68 18.57
C LEU C 193 7.01 0.46 18.37
N HIS C 194 6.67 -0.79 18.04
CA HIS C 194 5.31 -1.16 17.74
C HIS C 194 4.26 -0.97 18.83
N GLY C 195 4.57 -1.41 20.05
CA GLY C 195 3.64 -1.23 21.16
C GLY C 195 3.27 0.24 21.28
N PRO C 196 4.26 1.10 21.55
CA PRO C 196 4.02 2.54 21.68
C PRO C 196 3.24 3.10 20.49
N LEU C 197 3.64 2.71 19.27
CA LEU C 197 2.97 3.15 18.04
C LEU C 197 1.49 2.70 17.97
N GLN C 198 1.24 1.49 18.45
CA GLN C 198 -0.10 0.93 18.45
C GLN C 198 -0.98 1.65 19.46
N TRP C 199 -0.46 1.87 20.66
CA TRP C 199 -1.24 2.57 21.68
C TRP C 199 -1.54 3.97 21.20
N LEU C 200 -0.58 4.55 20.51
CA LEU C 200 -0.75 5.89 20.00
C LEU C 200 -1.85 5.90 18.93
N ASP C 201 -2.02 4.77 18.26
CA ASP C 201 -3.01 4.67 17.21
C ASP C 201 -4.41 4.67 17.81
N LYS C 202 -4.57 3.96 18.92
CA LYS C 202 -5.86 3.89 19.60
C LYS C 202 -6.37 5.32 19.88
N VAL C 203 -5.46 6.18 20.33
CA VAL C 203 -5.81 7.55 20.65
C VAL C 203 -6.01 8.47 19.44
N LEU C 204 -5.05 8.51 18.52
CA LEU C 204 -5.17 9.37 17.35
C LEU C 204 -6.48 9.12 16.59
N THR C 205 -6.92 7.86 16.58
CA THR C 205 -8.13 7.47 15.89
C THR C 205 -9.36 7.88 16.69
N GLN C 206 -9.32 7.72 18.01
CA GLN C 206 -10.44 8.14 18.83
C GLN C 206 -10.60 9.66 18.70
N MET C 207 -9.48 10.35 18.54
CA MET C 207 -9.47 11.80 18.39
C MET C 207 -9.64 12.15 16.91
N GLY C 208 -9.53 11.12 16.09
CA GLY C 208 -9.65 11.27 14.64
C GLY C 208 -10.04 12.65 14.16
N SER C 209 -9.07 13.34 13.56
CA SER C 209 -9.28 14.69 13.03
C SER C 209 -10.44 14.74 12.03
N PRO C 210 -10.70 13.64 11.29
CA PRO C 210 -11.80 13.60 10.30
C PRO C 210 -13.09 12.94 10.83
N HIS C 211 -14.00 12.62 9.91
CA HIS C 211 -15.27 11.99 10.28
C HIS C 211 -16.06 11.40 9.11
N ASN C 212 -16.45 10.13 9.23
CA ASN C 212 -17.23 9.37 8.24
C ASN C 212 -17.34 7.90 8.73
N PRO C 213 -18.01 7.69 9.87
CA PRO C 213 -18.32 6.48 10.66
C PRO C 213 -18.25 5.08 10.06
N ILE C 214 -18.94 4.84 8.95
CA ILE C 214 -18.90 3.53 8.31
C ILE C 214 -18.84 3.70 6.81
N SER C 215 -18.70 2.61 6.06
CA SER C 215 -18.64 2.72 4.61
C SER C 215 -20.00 2.85 3.99
N SER C 216 -20.02 3.41 2.79
CA SER C 216 -21.25 3.60 2.07
C SER C 216 -21.36 2.59 0.95
N VAL C 217 -20.30 1.81 0.74
CA VAL C 217 -20.28 0.84 -0.34
C VAL C 217 -20.35 -0.59 0.08
N SER C 218 -19.60 -0.93 1.13
CA SER C 218 -19.55 -2.29 1.61
C SER C 218 -20.77 -2.59 2.48
N HIS D 23 -52.07 15.97 5.55
CA HIS D 23 -50.93 15.06 5.24
C HIS D 23 -50.35 15.39 3.86
N TRP D 24 -49.17 15.96 3.82
CA TRP D 24 -48.57 16.25 2.52
C TRP D 24 -47.78 15.03 2.08
N CYS D 25 -47.64 14.06 2.98
CA CYS D 25 -46.93 12.83 2.63
C CYS D 25 -47.12 11.65 3.61
N SER D 26 -46.82 10.46 3.13
CA SER D 26 -46.90 9.26 3.98
C SER D 26 -45.59 8.57 3.69
N ILE D 27 -45.00 7.98 4.71
CA ILE D 27 -43.69 7.35 4.58
C ILE D 27 -43.62 5.95 5.17
N VAL D 28 -42.99 5.06 4.43
CA VAL D 28 -42.81 3.67 4.85
C VAL D 28 -41.34 3.27 4.98
N TYR D 29 -41.03 2.52 6.04
CA TYR D 29 -39.67 2.04 6.31
C TYR D 29 -39.42 0.58 5.88
N TYR D 30 -38.19 0.35 5.44
CA TYR D 30 -37.72 -0.94 4.96
C TYR D 30 -36.31 -1.26 5.43
N GLU D 31 -36.00 -2.54 5.52
CA GLU D 31 -34.66 -3.03 5.85
C GLU D 31 -34.54 -4.15 4.82
N LEU D 32 -33.79 -3.85 3.76
CA LEU D 32 -33.60 -4.76 2.64
C LEU D 32 -34.97 -4.89 1.95
N ASN D 33 -35.39 -6.12 1.65
CA ASN D 33 -36.66 -6.33 0.97
C ASN D 33 -37.86 -6.35 1.88
N ASN D 34 -37.64 -6.23 3.18
CA ASN D 34 -38.74 -6.28 4.12
C ASN D 34 -39.17 -4.94 4.73
N ARG D 35 -40.48 -4.77 4.80
CA ARG D 35 -41.11 -3.58 5.36
C ARG D 35 -41.01 -3.68 6.89
N VAL D 36 -40.71 -2.57 7.56
CA VAL D 36 -40.59 -2.58 9.01
C VAL D 36 -41.32 -1.42 9.68
N GLY D 37 -42.16 -1.75 10.66
CA GLY D 37 -42.91 -0.71 11.36
C GLY D 37 -44.21 -0.39 10.65
N GLU D 38 -44.97 0.55 11.22
CA GLU D 38 -46.23 0.97 10.65
C GLU D 38 -45.93 2.19 9.80
N ALA D 39 -46.93 2.62 9.04
CA ALA D 39 -46.79 3.79 8.20
C ALA D 39 -46.89 5.06 9.05
N PHE D 40 -46.06 6.04 8.71
CA PHE D 40 -46.05 7.31 9.42
C PHE D 40 -46.78 8.37 8.58
N HIS D 41 -47.71 9.09 9.20
CA HIS D 41 -48.38 10.14 8.44
C HIS D 41 -48.06 11.55 8.91
N ALA D 42 -47.47 12.31 8.00
CA ALA D 42 -47.05 13.69 8.23
C ALA D 42 -48.21 14.64 8.52
N SER D 43 -48.12 15.31 9.65
CA SER D 43 -49.14 16.27 10.07
C SER D 43 -48.53 17.67 10.15
N SER D 44 -47.35 17.84 9.58
CA SER D 44 -46.66 19.13 9.58
C SER D 44 -45.69 19.23 8.40
N THR D 45 -45.37 20.47 8.04
CA THR D 45 -44.52 20.78 6.90
C THR D 45 -43.07 20.39 7.12
N SER D 46 -42.75 20.12 8.37
CA SER D 46 -41.39 19.73 8.73
C SER D 46 -41.52 18.38 9.38
N VAL D 47 -40.94 17.36 8.76
CA VAL D 47 -40.99 16.02 9.34
C VAL D 47 -39.58 15.49 9.52
N LEU D 48 -39.33 14.90 10.68
CA LEU D 48 -38.02 14.32 10.95
C LEU D 48 -38.12 12.81 11.00
N VAL D 49 -37.26 12.14 10.21
CA VAL D 49 -37.19 10.69 10.16
C VAL D 49 -35.79 10.35 10.71
N ASP D 50 -35.73 9.99 12.00
CA ASP D 50 -34.45 9.66 12.64
C ASP D 50 -34.35 8.22 13.12
N GLY D 51 -33.22 7.91 13.74
CA GLY D 51 -32.99 6.57 14.24
C GLY D 51 -33.12 6.51 15.74
N PHE D 52 -33.99 7.35 16.29
CA PHE D 52 -34.16 7.39 17.72
C PHE D 52 -35.39 6.60 18.15
N THR D 53 -35.88 6.85 19.36
CA THR D 53 -36.97 6.04 19.86
C THR D 53 -38.27 6.64 20.39
N ASP D 54 -38.69 7.81 19.92
CA ASP D 54 -39.97 8.31 20.43
C ASP D 54 -41.08 7.52 19.72
N PRO D 55 -41.97 6.88 20.49
CA PRO D 55 -43.06 6.10 19.91
C PRO D 55 -44.22 6.91 19.33
N SER D 56 -44.30 8.18 19.69
CA SER D 56 -45.37 9.01 19.17
C SER D 56 -45.21 9.04 17.66
N ASN D 57 -46.22 8.56 16.96
CA ASN D 57 -46.17 8.52 15.50
C ASN D 57 -47.21 9.50 15.00
N ASN D 58 -47.70 10.32 15.91
CA ASN D 58 -48.74 11.29 15.63
C ASN D 58 -48.30 12.72 15.34
N LYS D 59 -47.00 13.02 15.41
CA LYS D 59 -46.61 14.41 15.14
C LYS D 59 -45.40 14.74 14.27
N ASN D 60 -44.38 15.29 14.92
CA ASN D 60 -43.17 15.76 14.26
C ASN D 60 -42.14 14.75 13.74
N ARG D 61 -41.95 13.65 14.46
CA ARG D 61 -40.93 12.67 14.10
C ARG D 61 -41.40 11.27 13.72
N PHE D 62 -40.57 10.61 12.94
CA PHE D 62 -40.78 9.22 12.52
C PHE D 62 -39.50 8.55 13.04
N CYS D 63 -39.58 7.98 14.25
CA CYS D 63 -38.44 7.35 14.89
C CYS D 63 -38.25 5.89 14.49
N LEU D 64 -37.12 5.59 13.87
CA LEU D 64 -36.83 4.24 13.44
C LEU D 64 -36.20 3.39 14.52
N GLY D 65 -35.38 4.04 15.34
CA GLY D 65 -34.69 3.36 16.43
C GLY D 65 -35.47 2.32 17.24
N LEU D 66 -36.76 2.54 17.42
CA LEU D 66 -37.58 1.63 18.22
C LEU D 66 -38.18 0.44 17.48
N LEU D 67 -38.16 0.48 16.15
CA LEU D 67 -38.75 -0.57 15.34
C LEU D 67 -38.03 -1.90 15.41
N SER D 68 -38.82 -2.97 15.41
CA SER D 68 -38.30 -4.34 15.46
C SER D 68 -38.34 -4.98 14.09
N ASN D 69 -37.49 -6.00 13.90
CA ASN D 69 -37.41 -6.73 12.65
C ASN D 69 -36.83 -8.11 12.94
N VAL D 70 -37.68 -9.13 12.82
CA VAL D 70 -37.25 -10.52 13.08
C VAL D 70 -36.20 -11.00 12.08
N ASN D 71 -36.16 -10.36 10.91
CA ASN D 71 -35.21 -10.72 9.86
C ASN D 71 -34.00 -9.78 9.82
N ARG D 72 -33.81 -8.98 10.87
CA ARG D 72 -32.69 -8.06 10.93
C ARG D 72 -31.40 -8.81 11.22
N ASN D 73 -30.28 -8.29 10.71
CA ASN D 73 -28.97 -8.90 10.94
C ASN D 73 -27.94 -7.85 11.31
N SER D 74 -26.74 -8.32 11.63
CA SER D 74 -25.66 -7.43 12.05
C SER D 74 -25.40 -6.24 11.14
N THR D 75 -25.26 -6.47 9.83
CA THR D 75 -25.01 -5.36 8.93
C THR D 75 -26.13 -4.32 8.95
N ILE D 76 -27.36 -4.75 9.19
CA ILE D 76 -28.46 -3.79 9.28
C ILE D 76 -28.39 -3.06 10.62
N GLU D 77 -28.10 -3.79 11.69
CA GLU D 77 -28.02 -3.13 12.99
C GLU D 77 -26.88 -2.12 12.99
N ASN D 78 -25.83 -2.43 12.25
CA ASN D 78 -24.72 -1.51 12.18
C ASN D 78 -25.19 -0.21 11.52
N THR D 79 -25.84 -0.32 10.36
CA THR D 79 -26.32 0.87 9.67
C THR D 79 -27.36 1.62 10.49
N ARG D 80 -28.20 0.89 11.21
CA ARG D 80 -29.20 1.54 12.03
C ARG D 80 -28.54 2.45 13.07
N ARG D 81 -27.40 2.04 13.60
CA ARG D 81 -26.71 2.85 14.60
C ARG D 81 -26.20 4.19 14.05
N HIS D 82 -26.12 4.30 12.73
CA HIS D 82 -25.63 5.52 12.12
C HIS D 82 -26.68 6.40 11.45
N ILE D 83 -27.95 6.07 11.60
CA ILE D 83 -28.95 6.93 10.98
C ILE D 83 -28.92 8.27 11.72
N GLY D 84 -28.94 8.22 13.06
CA GLY D 84 -28.90 9.43 13.88
C GLY D 84 -30.05 10.39 13.65
N LYS D 85 -29.74 11.69 13.51
CA LYS D 85 -30.77 12.70 13.28
C LYS D 85 -31.43 12.50 11.90
N GLY D 86 -30.91 11.52 11.16
CA GLY D 86 -31.43 11.16 9.85
C GLY D 86 -31.65 12.26 8.85
N VAL D 87 -32.85 12.30 8.31
CA VAL D 87 -33.17 13.30 7.31
C VAL D 87 -34.35 14.15 7.67
N HIS D 88 -34.32 15.37 7.16
CA HIS D 88 -35.35 16.35 7.37
C HIS D 88 -36.11 16.50 6.06
N LEU D 89 -37.41 16.27 6.13
CA LEU D 89 -38.24 16.42 4.93
C LEU D 89 -39.02 17.71 5.14
N TYR D 90 -38.87 18.65 4.21
CA TYR D 90 -39.52 19.94 4.34
C TYR D 90 -40.47 20.28 3.20
N TYR D 91 -41.69 20.70 3.55
CA TYR D 91 -42.68 21.06 2.55
C TYR D 91 -42.98 22.55 2.65
N VAL D 92 -42.80 23.27 1.54
CA VAL D 92 -43.05 24.71 1.53
C VAL D 92 -43.10 25.30 0.13
N GLY D 93 -44.14 26.08 -0.15
CA GLY D 93 -44.27 26.70 -1.44
C GLY D 93 -44.35 25.68 -2.54
N GLY D 94 -45.09 24.60 -2.31
CA GLY D 94 -45.24 23.57 -3.31
C GLY D 94 -43.94 22.97 -3.82
N GLU D 95 -43.03 22.68 -2.89
CA GLU D 95 -41.74 22.11 -3.24
C GLU D 95 -41.27 21.36 -2.02
N VAL D 96 -40.63 20.21 -2.22
CA VAL D 96 -40.16 19.47 -1.07
C VAL D 96 -38.64 19.42 -1.09
N TYR D 97 -38.04 19.65 0.07
CA TYR D 97 -36.59 19.64 0.23
C TYR D 97 -36.20 18.51 1.16
N ALA D 98 -34.95 18.10 1.06
CA ALA D 98 -34.45 17.02 1.91
C ALA D 98 -33.13 17.52 2.44
N GLU D 99 -32.98 17.43 3.77
CA GLU D 99 -31.77 17.91 4.41
C GLU D 99 -31.21 16.77 5.21
N CYS D 100 -29.96 16.42 4.93
CA CYS D 100 -29.31 15.35 5.67
C CYS D 100 -28.78 15.90 6.98
N LEU D 101 -29.37 15.47 8.09
CA LEU D 101 -28.93 15.89 9.40
C LEU D 101 -28.05 14.80 10.02
N SER D 102 -28.04 13.63 9.41
CA SER D 102 -27.23 12.51 9.91
C SER D 102 -25.73 12.81 9.79
N ASP D 103 -24.89 12.00 10.44
CA ASP D 103 -23.45 12.20 10.29
C ASP D 103 -22.99 11.47 9.03
N SER D 104 -23.86 10.63 8.49
CA SER D 104 -23.60 9.87 7.28
C SER D 104 -24.45 10.40 6.14
N SER D 105 -24.02 10.14 4.91
CA SER D 105 -24.76 10.62 3.77
C SER D 105 -26.07 9.89 3.64
N ILE D 106 -26.91 10.42 2.78
CA ILE D 106 -28.20 9.85 2.50
C ILE D 106 -28.29 9.80 0.97
N PHE D 107 -29.14 8.93 0.44
CA PHE D 107 -29.27 8.82 -1.00
C PHE D 107 -30.74 8.84 -1.45
N VAL D 108 -31.04 9.76 -2.36
CA VAL D 108 -32.40 9.92 -2.83
C VAL D 108 -32.62 9.69 -4.32
N GLN D 109 -33.72 9.00 -4.62
CA GLN D 109 -34.10 8.73 -5.99
C GLN D 109 -35.48 9.30 -6.22
N SER D 110 -35.51 10.48 -6.83
CA SER D 110 -36.75 11.16 -7.15
C SER D 110 -36.76 11.42 -8.64
N ARG D 111 -37.81 10.96 -9.31
CA ARG D 111 -37.91 11.15 -10.75
C ARG D 111 -38.08 12.61 -11.07
N ASN D 112 -38.96 13.27 -10.34
CA ASN D 112 -39.22 14.69 -10.53
C ASN D 112 -37.90 15.43 -10.41
N CYS D 113 -37.17 15.11 -9.35
CA CYS D 113 -35.87 15.74 -9.11
C CYS D 113 -34.89 15.45 -10.24
N ASN D 114 -34.96 14.24 -10.80
CA ASN D 114 -34.07 13.86 -11.88
C ASN D 114 -34.40 14.57 -13.20
N TYR D 115 -35.69 14.72 -13.46
CA TYR D 115 -36.18 15.37 -14.67
C TYR D 115 -35.81 16.85 -14.67
N HIS D 116 -35.79 17.44 -13.49
CA HIS D 116 -35.45 18.85 -13.32
C HIS D 116 -33.96 19.10 -13.60
N HIS D 117 -33.11 18.13 -13.27
CA HIS D 117 -31.67 18.26 -13.48
C HIS D 117 -31.21 17.61 -14.77
N GLY D 118 -32.11 16.89 -15.43
CA GLY D 118 -31.76 16.24 -16.68
C GLY D 118 -31.05 14.91 -16.52
N PHE D 119 -31.06 14.36 -15.30
CA PHE D 119 -30.40 13.09 -15.04
C PHE D 119 -31.30 11.94 -15.51
N HIS D 120 -30.71 10.77 -15.71
CA HIS D 120 -31.49 9.61 -16.12
C HIS D 120 -32.48 9.31 -15.01
N PRO D 121 -33.74 9.00 -15.37
CA PRO D 121 -34.81 8.68 -14.42
C PRO D 121 -34.48 7.80 -13.22
N THR D 122 -33.48 6.93 -13.34
CA THR D 122 -33.15 6.07 -12.21
C THR D 122 -32.01 6.61 -11.36
N THR D 123 -31.47 7.77 -11.74
CA THR D 123 -30.38 8.38 -10.98
C THR D 123 -30.63 8.45 -9.48
N VAL D 124 -29.60 8.13 -8.71
CA VAL D 124 -29.66 8.20 -7.26
C VAL D 124 -28.76 9.37 -6.87
N CYS D 125 -29.29 10.31 -6.09
CA CYS D 125 -28.53 11.48 -5.68
C CYS D 125 -28.01 11.36 -4.25
N LYS D 126 -26.72 11.64 -4.08
CA LYS D 126 -26.14 11.56 -2.76
C LYS D 126 -26.27 12.91 -2.07
N ILE D 127 -26.74 12.89 -0.83
CA ILE D 127 -26.88 14.09 -0.05
C ILE D 127 -25.91 13.96 1.12
N PRO D 128 -24.78 14.69 1.05
CA PRO D 128 -23.76 14.66 2.10
C PRO D 128 -24.30 15.20 3.40
N SER D 129 -23.66 14.86 4.52
CA SER D 129 -24.08 15.34 5.83
C SER D 129 -24.12 16.88 5.83
N GLY D 130 -25.17 17.47 6.37
CA GLY D 130 -25.25 18.92 6.40
C GLY D 130 -25.79 19.63 5.16
N CYS D 131 -25.82 18.94 4.02
CA CYS D 131 -26.32 19.51 2.77
C CYS D 131 -27.82 19.44 2.58
N SER D 132 -28.26 20.02 1.47
CA SER D 132 -29.68 20.07 1.16
C SER D 132 -29.87 19.73 -0.32
N LEU D 133 -31.14 19.56 -0.70
CA LEU D 133 -31.51 19.25 -2.08
C LEU D 133 -33.01 19.32 -2.25
N LYS D 134 -33.45 19.88 -3.38
CA LYS D 134 -34.87 19.96 -3.70
C LYS D 134 -35.14 18.64 -4.40
N ILE D 135 -36.08 17.88 -3.90
CA ILE D 135 -36.36 16.59 -4.48
C ILE D 135 -37.70 16.60 -5.20
N PHE D 136 -38.42 17.71 -5.13
CA PHE D 136 -39.70 17.78 -5.83
C PHE D 136 -40.21 19.19 -6.09
N ASN D 137 -40.68 19.40 -7.31
CA ASN D 137 -41.21 20.67 -7.75
C ASN D 137 -42.56 20.36 -8.40
N ASN D 138 -43.64 20.37 -7.63
CA ASN D 138 -44.94 20.03 -8.20
C ASN D 138 -45.56 21.07 -9.13
N GLN D 139 -44.72 21.91 -9.70
CA GLN D 139 -45.16 22.93 -10.64
C GLN D 139 -44.81 22.29 -11.97
N GLU D 140 -43.66 21.63 -11.96
CA GLU D 140 -43.13 20.92 -13.11
C GLU D 140 -43.91 19.63 -13.27
N PHE D 141 -44.52 19.19 -12.17
CA PHE D 141 -45.29 17.97 -12.19
C PHE D 141 -46.66 18.31 -12.77
N ALA D 142 -47.22 19.42 -12.32
CA ALA D 142 -48.53 19.85 -12.79
C ALA D 142 -48.46 20.03 -14.29
N GLN D 143 -47.28 20.41 -14.78
CA GLN D 143 -47.09 20.59 -16.20
C GLN D 143 -47.09 19.23 -16.87
N LEU D 144 -46.28 18.31 -16.36
CA LEU D 144 -46.20 16.96 -16.91
C LEU D 144 -47.59 16.33 -16.97
N LEU D 145 -48.35 16.48 -15.88
CA LEU D 145 -49.69 15.93 -15.80
C LEU D 145 -50.55 16.50 -16.90
N ALA D 146 -50.40 17.80 -17.15
CA ALA D 146 -51.17 18.49 -18.18
C ALA D 146 -50.79 18.00 -19.58
N GLN D 147 -49.50 17.92 -19.85
CA GLN D 147 -49.03 17.47 -21.15
C GLN D 147 -49.48 16.03 -21.40
N SER D 148 -49.78 15.32 -20.32
CA SER D 148 -50.20 13.94 -20.42
C SER D 148 -51.70 13.86 -20.72
N VAL D 149 -52.44 14.83 -20.17
CA VAL D 149 -53.89 14.93 -20.33
C VAL D 149 -54.51 13.93 -21.31
N ASN D 150 -54.21 14.11 -22.61
CA ASN D 150 -54.76 13.23 -23.62
C ASN D 150 -53.69 12.65 -24.54
N HIS D 151 -52.76 11.91 -23.95
CA HIS D 151 -51.69 11.27 -24.70
C HIS D 151 -51.78 9.80 -24.26
N GLY D 152 -53.02 9.36 -24.07
CA GLY D 152 -53.27 8.01 -23.65
C GLY D 152 -53.62 7.93 -22.18
N PHE D 153 -53.63 6.71 -21.67
CA PHE D 153 -53.94 6.44 -20.28
C PHE D 153 -52.72 5.73 -19.72
N GLU D 154 -51.95 5.11 -20.61
CA GLU D 154 -50.77 4.38 -20.24
C GLU D 154 -49.69 5.33 -19.72
N THR D 155 -49.48 6.44 -20.43
CA THR D 155 -48.47 7.42 -20.02
C THR D 155 -48.91 8.23 -18.81
N VAL D 156 -50.21 8.48 -18.68
CA VAL D 156 -50.69 9.26 -17.54
C VAL D 156 -50.63 8.44 -16.25
N TYR D 157 -50.85 7.12 -16.36
CA TYR D 157 -50.80 6.22 -15.22
C TYR D 157 -49.36 6.10 -14.77
N GLU D 158 -48.43 6.22 -15.73
CA GLU D 158 -47.00 6.14 -15.47
C GLU D 158 -46.51 7.23 -14.53
N LEU D 159 -47.26 8.33 -14.45
CA LEU D 159 -46.88 9.46 -13.61
C LEU D 159 -46.98 9.13 -12.13
N THR D 160 -47.72 8.08 -11.80
CA THR D 160 -47.87 7.69 -10.41
C THR D 160 -46.47 7.51 -9.81
N LYS D 161 -45.52 7.04 -10.62
CA LYS D 161 -44.16 6.79 -10.18
C LYS D 161 -43.45 8.08 -9.79
N MET D 162 -43.96 9.20 -10.27
CA MET D 162 -43.40 10.50 -9.98
C MET D 162 -43.76 10.93 -8.56
N CYS D 163 -44.83 10.37 -8.01
CA CYS D 163 -45.29 10.74 -6.69
C CYS D 163 -44.68 9.98 -5.53
N THR D 164 -43.79 9.07 -5.82
CA THR D 164 -43.16 8.35 -4.74
C THR D 164 -41.66 8.60 -4.81
N ILE D 165 -41.06 8.90 -3.67
CA ILE D 165 -39.62 9.13 -3.63
C ILE D 165 -39.01 8.16 -2.64
N ARG D 166 -37.87 7.60 -3.02
CA ARG D 166 -37.19 6.64 -2.18
C ARG D 166 -35.81 7.16 -1.78
N MET D 167 -35.39 6.83 -0.56
CA MET D 167 -34.07 7.22 -0.12
C MET D 167 -33.53 6.30 0.95
N SER D 168 -32.22 6.11 0.95
CA SER D 168 -31.60 5.23 1.95
C SER D 168 -30.57 5.94 2.80
N PHE D 169 -30.48 5.49 4.04
CA PHE D 169 -29.55 6.04 5.00
C PHE D 169 -28.21 5.33 4.86
N VAL D 170 -27.13 6.10 4.86
CA VAL D 170 -25.76 5.58 4.81
C VAL D 170 -25.31 4.88 3.53
N LYS D 171 -25.92 3.73 3.24
CA LYS D 171 -25.53 2.97 2.08
C LYS D 171 -26.11 3.47 0.79
N GLY D 172 -25.28 3.56 -0.23
CA GLY D 172 -25.78 4.00 -1.51
C GLY D 172 -26.03 2.85 -2.48
N TRP D 173 -26.80 3.11 -3.54
CA TRP D 173 -27.03 2.11 -4.55
C TRP D 173 -26.94 2.79 -5.90
N GLY D 174 -26.88 1.99 -6.96
CA GLY D 174 -26.79 2.52 -8.31
C GLY D 174 -25.35 2.38 -8.78
N ALA D 175 -25.04 3.14 -9.82
CA ALA D 175 -23.71 3.15 -10.41
C ALA D 175 -22.61 3.58 -9.43
N GLU D 176 -21.49 2.88 -9.50
CA GLU D 176 -20.31 3.11 -8.64
C GLU D 176 -20.49 2.37 -7.33
N TYR D 177 -21.69 1.83 -7.12
CA TYR D 177 -21.94 1.06 -5.91
C TYR D 177 -22.14 -0.40 -6.30
N HIS D 178 -21.91 -1.30 -5.37
CA HIS D 178 -22.11 -2.72 -5.64
C HIS D 178 -23.63 -2.90 -5.68
N ARG D 179 -24.29 -2.52 -4.59
CA ARG D 179 -25.74 -2.56 -4.44
C ARG D 179 -26.43 -1.89 -5.65
N GLN D 180 -27.23 -2.63 -6.39
CA GLN D 180 -27.91 -2.06 -7.55
C GLN D 180 -29.36 -1.70 -7.26
N ASP D 181 -29.90 -2.22 -6.17
CA ASP D 181 -31.28 -1.92 -5.82
C ASP D 181 -31.47 -1.31 -4.44
N VAL D 182 -32.51 -0.50 -4.31
CA VAL D 182 -32.79 0.12 -3.03
C VAL D 182 -33.11 -1.01 -2.06
N THR D 183 -33.67 -2.09 -2.60
CA THR D 183 -33.99 -3.26 -1.78
C THR D 183 -32.72 -3.94 -1.24
N SER D 184 -31.56 -3.57 -1.74
CA SER D 184 -30.32 -4.16 -1.27
C SER D 184 -29.70 -3.33 -0.16
N THR D 185 -30.31 -2.18 0.13
CA THR D 185 -29.76 -1.34 1.18
C THR D 185 -30.41 -1.69 2.52
N PRO D 186 -29.59 -1.84 3.57
CA PRO D 186 -30.14 -2.18 4.88
C PRO D 186 -31.20 -1.27 5.51
N CYS D 187 -31.15 0.03 5.20
CA CYS D 187 -32.14 0.96 5.78
C CYS D 187 -32.63 2.04 4.80
N TRP D 188 -33.89 1.92 4.35
CA TRP D 188 -34.49 2.89 3.42
C TRP D 188 -35.97 3.18 3.64
N ILE D 189 -36.41 4.32 3.10
CA ILE D 189 -37.81 4.71 3.22
C ILE D 189 -38.41 5.10 1.87
N GLU D 190 -39.72 4.95 1.78
CA GLU D 190 -40.44 5.27 0.58
C GLU D 190 -41.49 6.30 0.98
N ILE D 191 -41.41 7.46 0.32
CA ILE D 191 -42.30 8.58 0.58
C ILE D 191 -43.33 8.73 -0.54
N HIS D 192 -44.57 8.97 -0.14
CA HIS D 192 -45.69 9.17 -1.07
C HIS D 192 -46.20 10.60 -0.94
N LEU D 193 -46.16 11.35 -2.05
CA LEU D 193 -46.63 12.73 -2.02
C LEU D 193 -48.13 12.77 -2.34
N HIS D 194 -48.93 13.06 -1.32
CA HIS D 194 -50.39 13.09 -1.44
C HIS D 194 -51.00 14.13 -2.33
N GLY D 195 -50.45 15.34 -2.29
CA GLY D 195 -50.97 16.39 -3.13
C GLY D 195 -50.91 15.96 -4.58
N PRO D 196 -49.69 15.70 -5.11
CA PRO D 196 -49.49 15.27 -6.49
C PRO D 196 -50.30 14.01 -6.77
N LEU D 197 -50.33 13.12 -5.78
CA LEU D 197 -51.10 11.89 -5.93
C LEU D 197 -52.58 12.18 -6.10
N GLN D 198 -53.08 13.16 -5.35
CA GLN D 198 -54.48 13.54 -5.39
C GLN D 198 -54.89 14.20 -6.70
N TRP D 199 -54.05 15.09 -7.22
CA TRP D 199 -54.35 15.74 -8.48
C TRP D 199 -54.35 14.68 -9.58
N LEU D 200 -53.36 13.79 -9.50
CA LEU D 200 -53.22 12.68 -10.44
C LEU D 200 -54.53 11.90 -10.51
N ASP D 201 -55.16 11.76 -9.34
CA ASP D 201 -56.41 11.03 -9.25
C ASP D 201 -57.47 11.78 -10.05
N LYS D 202 -57.55 13.09 -9.86
CA LYS D 202 -58.55 13.88 -10.58
C LYS D 202 -58.52 13.62 -12.07
N VAL D 203 -57.33 13.38 -12.60
CA VAL D 203 -57.15 13.12 -14.02
C VAL D 203 -57.40 11.66 -14.43
N LEU D 204 -56.86 10.72 -13.66
CA LEU D 204 -57.02 9.31 -13.99
C LEU D 204 -58.45 8.80 -14.14
N THR D 205 -59.39 9.41 -13.43
CA THR D 205 -60.77 8.98 -13.54
C THR D 205 -61.35 9.51 -14.86
N GLN D 206 -60.47 9.76 -15.82
CA GLN D 206 -60.83 10.28 -17.14
C GLN D 206 -61.38 9.16 -18.01
#